data_4E8C
#
_entry.id   4E8C
#
_cell.length_a   80.351
_cell.length_b   82.374
_cell.length_c   99.596
_cell.angle_alpha   90.00
_cell.angle_beta   106.84
_cell.angle_gamma   90.00
#
_symmetry.space_group_name_H-M   'P 1 21 1'
#
loop_
_entity.id
_entity.type
_entity.pdbx_description
1 polymer 'Glycosyl hydrolase, family 35'
2 non-polymer beta-D-galactopyranose
3 non-polymer GLYCEROL
4 water water
#
_entity_poly.entity_id   1
_entity_poly.type   'polypeptide(L)'
_entity_poly.pdbx_seq_one_letter_code
;MTRFEIRDDFYLDGKSFKILSGAIHYFRVPPEDWYHSLYNLKALGFNTVETYVAWNLHEPCEGEFHFEGDLDLEKFLQIA
QDLGLYAIVRPSPFICAEWEFGGLPAWLLTKNMRIRSSDPAYIEAVGRYYDQLLPRLVPRLLDNGGNILMMQVENEYGSY
GEDKAYLRAIRQLMEECGVTCPLFTSDGPWRATLKAGTLIEEDLFVTGNFGSKAPYNFSQMQEFFDEHGKKWPLMCMEFW
DGWFNRWKEPIITRDPKELADAVREVLEQGSINLYMFHGGTNFGFMNGCSARGTLDLPQVTSYDYDALLDEEGNPTAKYL
AVKKMMATHFSEYPQLEPLYKESMELDAIPLVEKVSLFETLDSLSSPVESLYPQKMEELGQSYGYLLYRTETNWDAEEER
LRIIDGRDRAQLYVDGQWVKTQYQTEIGEDIFYQGKKKGLSRLDILIENMGRVNYGHKFLADTQRKGIRTGVCKDLHFLL
NWKHYPLPLDNPEKIDFSKGWTQGQPAFYAYDFTVEEPKDTYLDLSEFGKGVAFVNGQNLGRFWNVGPTLSLYIPHSYLK
EGANRIIIFETEGQYKEEIHLTRKPTLKHIKGENL
;
_entity_poly.pdbx_strand_id   A,B
#
# COMPACT_ATOMS: atom_id res chain seq x y z
N THR A 2 -6.07 -49.25 14.44
CA THR A 2 -5.35 -48.34 13.54
C THR A 2 -4.22 -49.05 12.80
N ARG A 3 -4.21 -48.89 11.48
CA ARG A 3 -3.20 -49.52 10.64
C ARG A 3 -1.88 -48.74 10.58
N PHE A 4 -1.94 -47.43 10.70
CA PHE A 4 -0.74 -46.60 10.60
C PHE A 4 -0.60 -45.74 11.84
N GLU A 5 0.57 -45.82 12.47
CA GLU A 5 0.83 -45.11 13.71
C GLU A 5 2.20 -44.46 13.68
N ILE A 6 2.28 -43.31 14.35
CA ILE A 6 3.55 -42.64 14.57
C ILE A 6 3.94 -42.84 16.02
N ARG A 7 4.98 -43.64 16.24
CA ARG A 7 5.50 -43.88 17.57
C ARG A 7 6.96 -43.46 17.55
N ASP A 8 7.85 -44.33 18.00
CA ASP A 8 9.27 -44.01 17.93
C ASP A 8 9.71 -44.21 16.48
N ASP A 9 8.78 -44.72 15.68
CA ASP A 9 9.00 -44.90 14.26
C ASP A 9 7.65 -44.84 13.59
N PHE A 10 7.64 -44.86 12.26
CA PHE A 10 6.42 -45.11 11.51
C PHE A 10 6.13 -46.60 11.60
N TYR A 11 4.90 -46.96 11.98
CA TYR A 11 4.51 -48.36 11.98
C TYR A 11 3.26 -48.55 11.14
N LEU A 12 3.36 -49.46 10.19
CA LEU A 12 2.25 -49.81 9.33
C LEU A 12 1.94 -51.29 9.59
N ASP A 13 0.69 -51.56 9.99
CA ASP A 13 0.30 -52.92 10.34
C ASP A 13 1.26 -53.57 11.33
N GLY A 14 1.79 -52.76 12.25
CA GLY A 14 2.63 -53.24 13.32
C GLY A 14 4.11 -53.29 12.99
N LYS A 15 4.45 -52.95 11.75
CA LYS A 15 5.85 -53.06 11.33
C LYS A 15 6.51 -51.73 10.97
N SER A 16 7.78 -51.60 11.33
CA SER A 16 8.58 -50.46 10.91
C SER A 16 8.36 -50.17 9.43
N PHE A 17 8.15 -48.90 9.09
CA PHE A 17 7.81 -48.53 7.72
C PHE A 17 8.54 -47.26 7.33
N LYS A 18 9.26 -47.29 6.21
CA LYS A 18 9.92 -46.09 5.71
C LYS A 18 9.09 -45.53 4.57
N ILE A 19 8.66 -44.27 4.71
CA ILE A 19 7.89 -43.65 3.65
C ILE A 19 8.81 -43.17 2.53
N LEU A 20 8.54 -43.63 1.31
CA LEU A 20 9.26 -43.16 0.13
C LEU A 20 8.24 -42.48 -0.76
N SER A 21 8.13 -41.16 -0.63
CA SER A 21 7.07 -40.42 -1.27
C SER A 21 7.59 -39.47 -2.34
N GLY A 22 6.72 -39.15 -3.29
CA GLY A 22 7.03 -38.18 -4.33
C GLY A 22 5.84 -37.26 -4.51
N ALA A 23 6.12 -35.98 -4.69
CA ALA A 23 5.05 -35.01 -4.89
C ALA A 23 4.62 -34.95 -6.34
N ILE A 24 3.32 -35.13 -6.53
CA ILE A 24 2.68 -34.95 -7.81
C ILE A 24 1.39 -34.21 -7.51
N HIS A 25 1.24 -33.02 -8.09
CA HIS A 25 0.06 -32.20 -7.86
C HIS A 25 -1.00 -32.53 -8.90
N TYR A 26 -2.12 -33.08 -8.44
CA TYR A 26 -3.13 -33.56 -9.37
C TYR A 26 -3.56 -32.42 -10.30
N PHE A 27 -3.51 -31.20 -9.79
CA PHE A 27 -3.96 -30.04 -10.57
C PHE A 27 -2.91 -29.50 -11.54
N ARG A 28 -1.72 -30.08 -11.53
CA ARG A 28 -0.68 -29.62 -12.44
C ARG A 28 -0.39 -30.64 -13.55
N VAL A 29 -1.12 -31.76 -13.50
CA VAL A 29 -1.01 -32.80 -14.51
C VAL A 29 -2.39 -33.16 -15.03
N PRO A 30 -2.56 -33.19 -16.37
CA PRO A 30 -3.87 -33.56 -16.91
C PRO A 30 -4.26 -34.94 -16.40
N PRO A 31 -5.54 -35.13 -16.07
CA PRO A 31 -5.98 -36.37 -15.43
C PRO A 31 -5.68 -37.61 -16.29
N GLU A 32 -5.65 -37.45 -17.61
CA GLU A 32 -5.33 -38.56 -18.49
C GLU A 32 -3.91 -39.06 -18.27
N ASP A 33 -3.08 -38.24 -17.61
CA ASP A 33 -1.70 -38.62 -17.38
C ASP A 33 -1.41 -38.90 -15.92
N TRP A 34 -2.44 -38.96 -15.09
CA TRP A 34 -2.23 -39.32 -13.70
C TRP A 34 -1.66 -40.75 -13.59
N TYR A 35 -2.27 -41.70 -14.30
CA TYR A 35 -1.78 -43.06 -14.26
C TYR A 35 -0.29 -43.09 -14.62
N HIS A 36 0.07 -42.41 -15.69
CA HIS A 36 1.44 -42.38 -16.20
C HIS A 36 2.44 -41.92 -15.14
N SER A 37 2.16 -40.77 -14.55
CA SER A 37 3.03 -40.19 -13.53
C SER A 37 3.11 -41.08 -12.29
N LEU A 38 1.95 -41.52 -11.79
CA LEU A 38 1.92 -42.38 -10.62
C LEU A 38 2.64 -43.70 -10.87
N TYR A 39 2.50 -44.24 -12.07
CA TYR A 39 3.16 -45.51 -12.39
C TYR A 39 4.67 -45.32 -12.31
N ASN A 40 5.16 -44.21 -12.82
CA ASN A 40 6.61 -43.96 -12.85
C ASN A 40 7.18 -43.76 -11.46
N LEU A 41 6.34 -43.28 -10.55
CA LEU A 41 6.71 -43.11 -9.16
C LEU A 41 6.87 -44.48 -8.53
N LYS A 42 5.89 -45.35 -8.81
CA LYS A 42 5.90 -46.74 -8.36
C LYS A 42 7.09 -47.48 -8.98
N ALA A 43 7.36 -47.23 -10.26
CA ALA A 43 8.45 -47.90 -10.97
C ALA A 43 9.81 -47.56 -10.37
N LEU A 44 9.86 -46.45 -9.65
CA LEU A 44 11.09 -46.02 -9.00
C LEU A 44 11.33 -46.86 -7.75
N GLY A 45 10.27 -47.49 -7.26
CA GLY A 45 10.35 -48.24 -6.02
C GLY A 45 9.79 -47.49 -4.83
N PHE A 46 9.25 -46.31 -5.06
CA PHE A 46 8.64 -45.51 -3.99
C PHE A 46 7.27 -46.08 -3.66
N ASN A 47 6.75 -45.76 -2.48
CA ASN A 47 5.52 -46.39 -2.02
C ASN A 47 4.37 -45.41 -1.76
N THR A 48 4.63 -44.12 -1.95
CA THR A 48 3.67 -43.11 -1.56
C THR A 48 3.68 -41.90 -2.51
N VAL A 49 2.51 -41.33 -2.74
CA VAL A 49 2.42 -40.07 -3.46
C VAL A 49 1.92 -39.00 -2.53
N GLU A 50 2.38 -37.77 -2.75
CA GLU A 50 1.94 -36.67 -1.92
C GLU A 50 1.43 -35.56 -2.80
N THR A 51 0.37 -34.90 -2.36
CA THR A 51 -0.14 -33.74 -3.09
C THR A 51 -0.74 -32.69 -2.16
N TYR A 52 -0.58 -31.43 -2.56
CA TYR A 52 -1.34 -30.33 -1.99
C TYR A 52 -2.76 -30.42 -2.53
N VAL A 53 -3.66 -29.65 -1.90
CA VAL A 53 -4.98 -29.42 -2.44
C VAL A 53 -5.09 -27.90 -2.58
N ALA A 54 -5.55 -27.44 -3.73
CA ALA A 54 -5.61 -26.01 -4.04
C ALA A 54 -7.00 -25.47 -3.80
N TRP A 55 -7.16 -24.80 -2.67
CA TRP A 55 -8.44 -24.20 -2.30
C TRP A 55 -8.98 -23.32 -3.43
N ASN A 56 -8.13 -22.49 -4.02
CA ASN A 56 -8.58 -21.57 -5.05
C ASN A 56 -9.10 -22.23 -6.32
N LEU A 57 -8.77 -23.51 -6.52
CA LEU A 57 -9.34 -24.26 -7.64
C LEU A 57 -10.69 -24.86 -7.29
N HIS A 58 -10.81 -25.36 -6.07
CA HIS A 58 -12.03 -26.06 -5.66
C HIS A 58 -13.16 -25.14 -5.24
N GLU A 59 -12.82 -23.91 -4.83
CA GLU A 59 -13.85 -22.92 -4.54
C GLU A 59 -13.54 -21.60 -5.25
N PRO A 60 -13.68 -21.59 -6.60
CA PRO A 60 -13.28 -20.49 -7.49
C PRO A 60 -14.08 -19.21 -7.19
N CYS A 61 -15.34 -19.42 -6.80
CA CYS A 61 -16.20 -18.34 -6.34
CA CYS A 61 -16.20 -18.33 -6.34
C CYS A 61 -16.81 -18.79 -5.02
N GLU A 62 -17.00 -17.86 -4.09
CA GLU A 62 -17.47 -18.27 -2.76
C GLU A 62 -18.76 -19.09 -2.87
N GLY A 63 -18.75 -20.27 -2.26
CA GLY A 63 -19.93 -21.11 -2.21
C GLY A 63 -20.12 -22.02 -3.41
N GLU A 64 -19.27 -21.84 -4.41
CA GLU A 64 -19.32 -22.66 -5.63
C GLU A 64 -18.14 -23.62 -5.65
N PHE A 65 -18.43 -24.92 -5.54
CA PHE A 65 -17.39 -25.93 -5.37
C PHE A 65 -17.25 -26.90 -6.56
N HIS A 66 -16.02 -27.30 -6.85
CA HIS A 66 -15.74 -28.17 -7.99
C HIS A 66 -14.74 -29.27 -7.66
N PHE A 67 -15.17 -30.51 -7.85
CA PHE A 67 -14.30 -31.66 -7.60
C PHE A 67 -14.31 -32.67 -8.74
N GLU A 68 -14.77 -32.26 -9.90
CA GLU A 68 -14.83 -33.17 -11.06
C GLU A 68 -13.72 -32.82 -12.05
N GLY A 69 -13.54 -33.68 -13.04
CA GLY A 69 -12.62 -33.42 -14.14
C GLY A 69 -11.17 -33.29 -13.68
N ASP A 70 -10.54 -32.18 -14.11
CA ASP A 70 -9.17 -31.86 -13.72
C ASP A 70 -9.02 -31.78 -12.20
N LEU A 71 -10.12 -31.58 -11.50
CA LEU A 71 -10.09 -31.35 -10.06
C LEU A 71 -10.54 -32.57 -9.27
N ASP A 72 -10.67 -33.70 -9.95
CA ASP A 72 -11.14 -34.92 -9.31
C ASP A 72 -10.05 -35.58 -8.47
N LEU A 73 -9.73 -34.94 -7.35
CA LEU A 73 -8.75 -35.44 -6.40
C LEU A 73 -9.05 -36.87 -5.94
N GLU A 74 -10.34 -37.18 -5.79
CA GLU A 74 -10.73 -38.51 -5.35
C GLU A 74 -10.31 -39.57 -6.36
N LYS A 75 -10.36 -39.23 -7.64
CA LYS A 75 -9.97 -40.18 -8.69
C LYS A 75 -8.45 -40.32 -8.74
N PHE A 76 -7.74 -39.22 -8.54
CA PHE A 76 -6.28 -39.22 -8.44
C PHE A 76 -5.83 -40.14 -7.31
N LEU A 77 -6.45 -40.01 -6.15
CA LEU A 77 -6.16 -40.91 -5.03
C LEU A 77 -6.55 -42.36 -5.33
N GLN A 78 -7.64 -42.56 -6.08
CA GLN A 78 -8.05 -43.94 -6.43
C GLN A 78 -7.05 -44.60 -7.37
N ILE A 79 -6.55 -43.85 -8.34
CA ILE A 79 -5.55 -44.34 -9.26
C ILE A 79 -4.25 -44.69 -8.53
N ALA A 80 -3.82 -43.82 -7.64
CA ALA A 80 -2.66 -44.11 -6.80
C ALA A 80 -2.85 -45.43 -6.02
N GLN A 81 -4.01 -45.58 -5.41
CA GLN A 81 -4.30 -46.76 -4.61
C GLN A 81 -4.33 -48.05 -5.44
N ASP A 82 -5.01 -47.98 -6.58
CA ASP A 82 -5.05 -49.11 -7.50
C ASP A 82 -3.66 -49.50 -7.98
N LEU A 83 -2.73 -48.55 -7.98
CA LEU A 83 -1.35 -48.82 -8.36
C LEU A 83 -0.52 -49.26 -7.15
N GLY A 84 -1.19 -49.44 -6.02
CA GLY A 84 -0.54 -49.89 -4.81
C GLY A 84 0.25 -48.82 -4.07
N LEU A 85 -0.15 -47.56 -4.26
CA LEU A 85 0.52 -46.44 -3.62
C LEU A 85 -0.26 -45.90 -2.44
N TYR A 86 0.44 -45.59 -1.35
CA TYR A 86 -0.16 -44.87 -0.24
C TYR A 86 -0.17 -43.40 -0.62
N ALA A 87 -0.83 -42.58 0.19
CA ALA A 87 -0.92 -41.13 -0.09
C ALA A 87 -0.75 -40.25 1.13
N ILE A 88 -0.14 -39.10 0.93
CA ILE A 88 -0.08 -38.05 1.94
C ILE A 88 -0.78 -36.87 1.31
N VAL A 89 -1.78 -36.32 2.00
CA VAL A 89 -2.49 -35.15 1.48
C VAL A 89 -2.19 -33.96 2.37
N ARG A 90 -1.94 -32.81 1.75
CA ARG A 90 -1.65 -31.58 2.47
C ARG A 90 -2.69 -30.52 2.08
N PRO A 91 -3.84 -30.54 2.75
CA PRO A 91 -5.01 -29.73 2.40
C PRO A 91 -5.03 -28.41 3.14
N SER A 92 -3.88 -27.75 3.22
CA SER A 92 -3.79 -26.47 3.90
C SER A 92 -4.53 -25.40 3.11
N PRO A 93 -5.21 -24.47 3.79
CA PRO A 93 -5.82 -23.39 3.03
C PRO A 93 -4.71 -22.65 2.26
N PHE A 94 -3.52 -22.59 2.85
CA PHE A 94 -2.36 -21.97 2.23
C PHE A 94 -1.33 -23.06 1.95
N ILE A 95 -0.92 -23.19 0.70
CA ILE A 95 -0.01 -24.27 0.29
C ILE A 95 1.30 -23.73 -0.29
N CYS A 96 1.36 -22.42 -0.48
CA CYS A 96 2.56 -21.78 -1.04
C CYS A 96 2.74 -22.27 -2.47
N ALA A 97 3.62 -23.27 -2.65
CA ALA A 97 3.61 -24.13 -3.85
C ALA A 97 3.90 -23.44 -5.18
N GLU A 98 4.49 -22.25 -5.14
CA GLU A 98 4.63 -21.46 -6.37
C GLU A 98 3.28 -21.37 -7.09
N TRP A 99 2.23 -21.14 -6.31
CA TRP A 99 0.88 -21.18 -6.85
C TRP A 99 0.17 -19.85 -6.53
N GLU A 100 -0.77 -19.45 -7.37
CA GLU A 100 -1.32 -18.12 -7.27
C GLU A 100 -1.84 -17.92 -5.86
N PHE A 101 -1.38 -16.86 -5.23
CA PHE A 101 -1.85 -16.47 -3.90
C PHE A 101 -1.70 -17.61 -2.90
N GLY A 102 -0.67 -18.43 -3.08
CA GLY A 102 -0.43 -19.55 -2.18
C GLY A 102 -1.64 -20.46 -2.05
N GLY A 103 -2.49 -20.48 -3.07
CA GLY A 103 -3.65 -21.34 -3.04
C GLY A 103 -4.91 -20.71 -2.46
N LEU A 104 -4.78 -19.51 -1.90
CA LEU A 104 -5.94 -18.85 -1.32
C LEU A 104 -6.83 -18.29 -2.44
N PRO A 105 -8.16 -18.44 -2.30
CA PRO A 105 -9.07 -17.81 -3.25
C PRO A 105 -8.95 -16.30 -3.24
N ALA A 106 -8.91 -15.68 -4.42
CA ALA A 106 -8.71 -14.25 -4.55
C ALA A 106 -9.88 -13.48 -3.99
N TRP A 107 -11.04 -14.11 -3.93
CA TRP A 107 -12.22 -13.45 -3.38
C TRP A 107 -12.11 -13.19 -1.87
N LEU A 108 -11.20 -13.89 -1.19
CA LEU A 108 -10.93 -13.57 0.22
C LEU A 108 -10.47 -12.12 0.39
N LEU A 109 -9.88 -11.55 -0.66
CA LEU A 109 -9.39 -10.17 -0.59
C LEU A 109 -10.52 -9.15 -0.50
N THR A 110 -11.75 -9.57 -0.81
CA THR A 110 -12.89 -8.67 -0.67
C THR A 110 -13.56 -8.78 0.70
N LYS A 111 -13.01 -9.62 1.57
CA LYS A 111 -13.63 -9.87 2.86
C LYS A 111 -12.99 -9.05 3.98
N ASN A 112 -13.76 -8.74 5.01
CA ASN A 112 -13.20 -8.13 6.21
C ASN A 112 -12.68 -9.22 7.15
N MET A 113 -11.44 -9.62 6.93
CA MET A 113 -10.83 -10.68 7.74
C MET A 113 -9.32 -10.57 7.68
N ARG A 114 -8.68 -11.17 8.67
CA ARG A 114 -7.24 -11.32 8.68
C ARG A 114 -6.93 -12.71 8.16
N ILE A 115 -6.53 -12.75 6.89
CA ILE A 115 -6.22 -13.98 6.21
C ILE A 115 -5.04 -14.67 6.88
N ARG A 116 -5.15 -15.99 7.01
CA ARG A 116 -4.08 -16.83 7.53
C ARG A 116 -3.72 -16.54 8.99
N SER A 117 -4.75 -16.49 9.83
CA SER A 117 -4.61 -16.17 11.24
C SER A 117 -5.73 -16.86 12.02
N SER A 118 -5.75 -16.67 13.33
CA SER A 118 -6.83 -17.19 14.16
C SER A 118 -8.09 -16.31 14.11
N ASP A 119 -8.11 -15.30 13.25
CA ASP A 119 -9.32 -14.50 13.02
C ASP A 119 -10.50 -15.44 12.72
N PRO A 120 -11.55 -15.36 13.54
CA PRO A 120 -12.65 -16.33 13.35
C PRO A 120 -13.32 -16.18 11.97
N ALA A 121 -13.25 -15.00 11.37
CA ALA A 121 -13.83 -14.84 10.03
C ALA A 121 -13.09 -15.70 9.02
N TYR A 122 -11.77 -15.73 9.11
CA TYR A 122 -10.96 -16.56 8.22
C TYR A 122 -11.14 -18.04 8.54
N ILE A 123 -11.12 -18.38 9.82
CA ILE A 123 -11.31 -19.76 10.20
C ILE A 123 -12.66 -20.27 9.69
N GLU A 124 -13.70 -19.45 9.80
CA GLU A 124 -15.02 -19.84 9.32
C GLU A 124 -15.01 -20.17 7.82
N ALA A 125 -14.24 -19.39 7.06
CA ALA A 125 -14.10 -19.64 5.63
C ALA A 125 -13.36 -20.94 5.37
N VAL A 126 -12.30 -21.19 6.13
CA VAL A 126 -11.56 -22.44 5.93
C VAL A 126 -12.46 -23.62 6.26
N GLY A 127 -13.26 -23.48 7.31
CA GLY A 127 -14.17 -24.53 7.73
C GLY A 127 -15.23 -24.88 6.69
N ARG A 128 -15.78 -23.85 6.04
CA ARG A 128 -16.81 -24.10 5.03
C ARG A 128 -16.20 -24.84 3.86
N TYR A 129 -14.95 -24.53 3.57
CA TYR A 129 -14.21 -25.21 2.51
C TYR A 129 -13.92 -26.65 2.96
N TYR A 130 -13.54 -26.81 4.23
CA TYR A 130 -13.29 -28.14 4.78
C TYR A 130 -14.56 -28.98 4.80
N ASP A 131 -15.69 -28.33 5.00
CA ASP A 131 -16.99 -29.01 4.97
C ASP A 131 -17.26 -29.69 3.64
N GLN A 132 -16.65 -29.19 2.58
CA GLN A 132 -16.81 -29.79 1.25
C GLN A 132 -15.67 -30.74 0.90
N LEU A 133 -14.46 -30.40 1.33
CA LEU A 133 -13.28 -31.15 0.94
C LEU A 133 -13.10 -32.42 1.78
N LEU A 134 -13.04 -32.25 3.09
CA LEU A 134 -12.68 -33.36 3.97
C LEU A 134 -13.59 -34.61 3.97
N PRO A 135 -14.93 -34.42 3.89
CA PRO A 135 -15.83 -35.59 3.75
C PRO A 135 -15.49 -36.45 2.54
N ARG A 136 -14.74 -35.88 1.59
CA ARG A 136 -14.35 -36.60 0.39
C ARG A 136 -13.11 -37.44 0.64
N LEU A 137 -12.27 -37.00 1.57
CA LEU A 137 -11.00 -37.68 1.83
C LEU A 137 -11.12 -38.69 2.98
N VAL A 138 -12.08 -38.45 3.88
CA VAL A 138 -12.23 -39.31 5.06
C VAL A 138 -12.46 -40.79 4.71
N PRO A 139 -13.35 -41.07 3.76
CA PRO A 139 -13.50 -42.47 3.37
C PRO A 139 -12.20 -43.03 2.78
N ARG A 140 -11.25 -42.14 2.46
CA ARG A 140 -10.06 -42.57 1.73
C ARG A 140 -8.84 -42.70 2.63
N LEU A 141 -9.06 -42.52 3.93
CA LEU A 141 -8.04 -42.77 4.94
C LEU A 141 -7.78 -44.27 4.97
N LEU A 142 -6.53 -44.65 5.23
CA LEU A 142 -6.15 -46.06 5.22
C LEU A 142 -7.07 -46.89 6.11
N ASP A 143 -7.34 -46.38 7.31
CA ASP A 143 -8.22 -47.05 8.27
C ASP A 143 -9.63 -47.31 7.75
N ASN A 144 -10.04 -46.53 6.75
CA ASN A 144 -11.39 -46.70 6.19
C ASN A 144 -11.38 -47.44 4.85
N GLY A 145 -10.24 -48.00 4.48
CA GLY A 145 -10.14 -48.78 3.26
C GLY A 145 -9.46 -48.02 2.11
N GLY A 146 -9.03 -46.80 2.39
CA GLY A 146 -8.34 -45.99 1.40
C GLY A 146 -6.83 -46.10 1.54
N ASN A 147 -6.11 -45.08 1.06
CA ASN A 147 -4.65 -45.12 1.01
C ASN A 147 -3.96 -43.92 1.67
N ILE A 148 -4.74 -43.03 2.27
CA ILE A 148 -4.17 -41.84 2.90
C ILE A 148 -3.56 -42.17 4.27
N LEU A 149 -2.27 -41.93 4.43
CA LEU A 149 -1.59 -42.22 5.71
C LEU A 149 -1.73 -41.09 6.72
N MET A 150 -1.53 -39.86 6.25
CA MET A 150 -1.58 -38.70 7.12
C MET A 150 -1.81 -37.41 6.34
N MET A 151 -2.11 -36.33 7.06
CA MET A 151 -2.41 -35.04 6.44
C MET A 151 -1.72 -33.89 7.18
N GLN A 152 -1.33 -32.87 6.42
CA GLN A 152 -0.62 -31.72 6.99
C GLN A 152 -1.54 -30.64 7.53
N VAL A 153 -1.11 -30.01 8.61
CA VAL A 153 -1.80 -28.87 9.19
C VAL A 153 -1.06 -27.60 8.79
N GLU A 154 -1.75 -26.74 8.04
CA GLU A 154 -1.18 -25.50 7.53
C GLU A 154 -0.02 -25.85 6.59
N ASN A 155 0.97 -24.97 6.49
CA ASN A 155 2.12 -25.25 5.63
C ASN A 155 3.27 -24.30 5.91
N GLU A 156 4.34 -24.82 6.53
CA GLU A 156 5.49 -24.00 6.89
C GLU A 156 5.05 -22.73 7.58
N TYR A 157 4.13 -22.87 8.54
CA TYR A 157 3.58 -21.68 9.16
C TYR A 157 4.63 -20.92 9.98
N GLY A 158 5.69 -21.63 10.33
CA GLY A 158 6.81 -21.05 11.07
C GLY A 158 7.60 -20.09 10.20
N SER A 159 7.36 -20.13 8.89
CA SER A 159 7.90 -19.11 7.99
C SER A 159 6.91 -17.96 7.75
N TYR A 160 5.95 -17.82 8.66
CA TYR A 160 4.95 -16.76 8.51
C TYR A 160 4.45 -16.17 9.82
N GLY A 161 4.24 -17.00 10.84
CA GLY A 161 3.71 -16.51 12.10
C GLY A 161 3.96 -17.41 13.29
N GLU A 162 3.37 -17.05 14.44
CA GLU A 162 3.47 -17.85 15.66
C GLU A 162 2.12 -17.93 16.38
N ASP A 163 1.05 -17.70 15.62
CA ASP A 163 -0.33 -17.77 16.13
C ASP A 163 -0.71 -19.23 16.41
N LYS A 164 -0.47 -19.69 17.63
CA LYS A 164 -0.76 -21.08 17.98
C LYS A 164 -2.25 -21.37 17.92
N ALA A 165 -3.09 -20.37 18.21
CA ALA A 165 -4.54 -20.56 18.16
C ALA A 165 -4.98 -20.91 16.73
N TYR A 166 -4.29 -20.35 15.75
CA TYR A 166 -4.55 -20.64 14.35
C TYR A 166 -4.31 -22.13 14.05
N LEU A 167 -3.10 -22.60 14.31
CA LEU A 167 -2.74 -23.99 14.13
C LEU A 167 -3.73 -24.92 14.84
N ARG A 168 -4.06 -24.61 16.09
CA ARG A 168 -5.03 -25.42 16.84
C ARG A 168 -6.40 -25.44 16.17
N ALA A 169 -6.81 -24.29 15.65
CA ALA A 169 -8.07 -24.20 14.93
C ALA A 169 -8.10 -25.09 13.71
N ILE A 170 -7.01 -25.07 12.94
CA ILE A 170 -6.95 -25.90 11.74
C ILE A 170 -7.00 -27.37 12.16
N ARG A 171 -6.36 -27.69 13.27
CA ARG A 171 -6.34 -29.08 13.74
C ARG A 171 -7.76 -29.48 14.12
N GLN A 172 -8.43 -28.60 14.88
CA GLN A 172 -9.79 -28.83 15.33
C GLN A 172 -10.76 -29.06 14.17
N LEU A 173 -10.74 -28.17 13.18
CA LEU A 173 -11.59 -28.31 12.01
C LEU A 173 -11.39 -29.66 11.33
N MET A 174 -10.13 -30.06 11.16
CA MET A 174 -9.86 -31.33 10.48
C MET A 174 -10.43 -32.51 11.28
N GLU A 175 -10.19 -32.52 12.58
CA GLU A 175 -10.75 -33.54 13.47
C GLU A 175 -12.27 -33.54 13.46
N GLU A 176 -12.86 -32.36 13.50
CA GLU A 176 -14.31 -32.24 13.50
C GLU A 176 -14.91 -32.85 12.24
N CYS A 177 -14.14 -32.86 11.15
CA CYS A 177 -14.65 -33.39 9.88
C CYS A 177 -14.41 -34.89 9.74
N GLY A 178 -13.77 -35.50 10.72
CA GLY A 178 -13.54 -36.94 10.70
C GLY A 178 -12.13 -37.37 10.33
N VAL A 179 -11.22 -36.42 10.22
CA VAL A 179 -9.84 -36.79 9.89
C VAL A 179 -9.13 -37.36 11.11
N THR A 180 -8.97 -38.67 11.12
CA THR A 180 -8.47 -39.39 12.29
C THR A 180 -7.10 -40.02 12.04
N CYS A 181 -6.59 -39.92 10.82
CA CYS A 181 -5.21 -40.33 10.57
C CYS A 181 -4.28 -39.40 11.34
N PRO A 182 -2.99 -39.75 11.41
CA PRO A 182 -2.08 -38.81 12.06
C PRO A 182 -1.99 -37.48 11.31
N LEU A 183 -1.77 -36.39 12.05
CA LEU A 183 -1.60 -35.08 11.46
C LEU A 183 -0.16 -34.61 11.68
N PHE A 184 0.29 -33.61 10.91
CA PHE A 184 1.67 -33.18 11.02
C PHE A 184 1.85 -31.77 10.49
N THR A 185 2.95 -31.13 10.89
CA THR A 185 3.38 -29.90 10.25
C THR A 185 4.69 -30.11 9.49
N SER A 186 4.99 -29.23 8.54
CA SER A 186 6.33 -29.21 7.97
C SER A 186 6.88 -27.79 8.04
N ASP A 187 8.16 -27.67 8.35
CA ASP A 187 8.81 -26.37 8.49
C ASP A 187 10.29 -26.46 8.12
N GLY A 188 10.94 -25.31 7.98
CA GLY A 188 12.39 -25.29 7.84
C GLY A 188 12.96 -25.92 9.10
N PRO A 189 14.08 -26.66 8.96
CA PRO A 189 14.69 -27.42 10.06
C PRO A 189 15.68 -26.61 10.90
N TRP A 190 15.21 -25.50 11.46
CA TRP A 190 15.99 -24.73 12.42
C TRP A 190 15.06 -24.16 13.50
N ARG A 191 15.66 -23.66 14.58
CA ARG A 191 14.90 -23.44 15.80
C ARG A 191 13.73 -22.46 15.66
N ALA A 192 13.96 -21.32 15.02
CA ALA A 192 12.93 -20.30 14.90
C ALA A 192 11.67 -20.85 14.17
N THR A 193 11.88 -21.52 13.04
CA THR A 193 10.75 -22.00 12.24
C THR A 193 10.03 -23.17 12.92
N LEU A 194 10.81 -24.05 13.56
CA LEU A 194 10.23 -25.19 14.27
C LEU A 194 9.43 -24.76 15.50
N LYS A 195 9.96 -23.81 16.26
CA LYS A 195 9.20 -23.28 17.40
C LYS A 195 7.91 -22.58 16.94
N ALA A 196 8.04 -21.70 15.95
CA ALA A 196 6.89 -20.93 15.49
C ALA A 196 5.83 -21.77 14.75
N GLY A 197 6.29 -22.80 14.04
CA GLY A 197 5.41 -23.47 13.09
C GLY A 197 4.69 -24.72 13.58
N THR A 198 4.99 -25.15 14.81
CA THR A 198 4.56 -26.46 15.27
C THR A 198 3.62 -26.42 16.47
N LEU A 199 3.01 -27.58 16.76
CA LEU A 199 2.30 -27.77 18.01
C LEU A 199 2.92 -28.98 18.71
N ILE A 200 4.24 -29.04 18.69
CA ILE A 200 4.95 -30.19 19.24
C ILE A 200 4.58 -30.48 20.70
N GLU A 201 4.32 -29.42 21.46
CA GLU A 201 3.96 -29.58 22.87
C GLU A 201 2.55 -30.15 23.02
N GLU A 202 1.83 -30.26 21.91
CA GLU A 202 0.51 -30.91 21.89
C GLU A 202 0.57 -32.16 21.03
N ASP A 203 1.78 -32.67 20.88
CA ASP A 203 2.03 -33.94 20.21
C ASP A 203 1.58 -33.97 18.76
N LEU A 204 1.66 -32.83 18.08
CA LEU A 204 1.45 -32.79 16.64
C LEU A 204 2.78 -33.07 15.95
N PHE A 205 2.80 -34.13 15.16
CA PHE A 205 4.02 -34.59 14.51
C PHE A 205 4.72 -33.48 13.73
N VAL A 206 6.05 -33.50 13.73
CA VAL A 206 6.86 -32.46 13.10
C VAL A 206 7.74 -33.03 11.99
N THR A 207 7.68 -32.41 10.80
CA THR A 207 8.57 -32.77 9.69
C THR A 207 9.33 -31.55 9.20
N GLY A 208 10.39 -31.79 8.43
CA GLY A 208 11.26 -30.74 7.95
C GLY A 208 11.38 -30.68 6.43
N ASN A 209 11.61 -29.48 5.91
CA ASN A 209 11.79 -29.29 4.47
C ASN A 209 13.18 -28.72 4.20
N PHE A 210 13.90 -29.33 3.28
CA PHE A 210 15.25 -28.88 2.97
C PHE A 210 15.68 -29.52 1.66
N GLY A 211 16.77 -29.03 1.07
CA GLY A 211 17.22 -29.54 -0.22
C GLY A 211 18.59 -30.20 -0.22
N SER A 212 19.21 -30.34 0.94
CA SER A 212 20.52 -30.94 1.03
C SER A 212 20.90 -31.13 2.49
N LYS A 213 22.10 -31.66 2.73
CA LYS A 213 22.63 -31.79 4.09
C LYS A 213 21.62 -32.40 5.04
N ALA A 214 21.04 -33.52 4.63
CA ALA A 214 20.15 -34.31 5.47
C ALA A 214 20.73 -34.60 6.86
N PRO A 215 22.00 -35.05 6.91
CA PRO A 215 22.59 -35.32 8.23
C PRO A 215 22.53 -34.08 9.12
N TYR A 216 22.95 -32.94 8.62
CA TYR A 216 22.90 -31.72 9.43
C TYR A 216 21.47 -31.27 9.73
N ASN A 217 20.60 -31.27 8.72
CA ASN A 217 19.24 -30.80 8.93
C ASN A 217 18.43 -31.71 9.84
N PHE A 218 18.65 -33.01 9.72
CA PHE A 218 17.99 -33.99 10.57
C PHE A 218 18.48 -33.89 12.03
N SER A 219 19.76 -33.59 12.23
CA SER A 219 20.25 -33.42 13.61
C SER A 219 19.58 -32.22 14.29
N GLN A 220 19.27 -31.18 13.51
CA GLN A 220 18.56 -30.01 14.05
C GLN A 220 17.16 -30.41 14.48
N MET A 221 16.49 -31.19 13.63
CA MET A 221 15.19 -31.72 13.98
C MET A 221 15.28 -32.64 15.20
N GLN A 222 16.32 -33.46 15.25
CA GLN A 222 16.46 -34.40 16.38
C GLN A 222 16.63 -33.63 17.71
N GLU A 223 17.43 -32.58 17.69
CA GLU A 223 17.64 -31.75 18.88
C GLU A 223 16.31 -31.18 19.36
N PHE A 224 15.52 -30.68 18.42
CA PHE A 224 14.21 -30.15 18.75
C PHE A 224 13.34 -31.21 19.38
N PHE A 225 13.33 -32.40 18.78
CA PHE A 225 12.55 -33.51 19.29
C PHE A 225 13.02 -33.86 20.71
N ASP A 226 14.33 -34.00 20.87
CA ASP A 226 14.89 -34.35 22.18
C ASP A 226 14.50 -33.32 23.22
N GLU A 227 14.62 -32.05 22.86
CA GLU A 227 14.23 -30.97 23.75
C GLU A 227 12.80 -31.15 24.28
N HIS A 228 11.94 -31.71 23.44
CA HIS A 228 10.54 -31.89 23.83
C HIS A 228 10.18 -33.30 24.25
N GLY A 229 11.19 -34.16 24.37
CA GLY A 229 10.99 -35.53 24.83
C GLY A 229 10.27 -36.40 23.83
N LYS A 230 10.39 -36.09 22.55
CA LYS A 230 9.75 -36.88 21.50
C LYS A 230 10.71 -37.87 20.88
N LYS A 231 10.32 -39.14 20.92
CA LYS A 231 11.01 -40.14 20.13
C LYS A 231 10.15 -40.38 18.90
N TRP A 232 10.51 -39.69 17.83
CA TRP A 232 9.75 -39.69 16.60
C TRP A 232 10.67 -40.09 15.47
N PRO A 233 10.12 -40.66 14.40
CA PRO A 233 10.91 -40.86 13.19
C PRO A 233 11.24 -39.52 12.54
N LEU A 234 12.28 -39.50 11.71
CA LEU A 234 12.69 -38.31 10.99
C LEU A 234 12.14 -38.35 9.57
N MET A 235 11.42 -37.32 9.18
CA MET A 235 10.94 -37.25 7.80
C MET A 235 11.13 -35.87 7.16
N CYS A 236 11.61 -35.89 5.92
CA CYS A 236 11.70 -34.69 5.13
C CYS A 236 10.46 -34.63 4.25
N MET A 237 9.56 -33.70 4.55
CA MET A 237 8.25 -33.63 3.88
C MET A 237 8.37 -32.93 2.53
N GLU A 238 9.41 -32.13 2.37
CA GLU A 238 9.75 -31.60 1.05
C GLU A 238 11.26 -31.64 0.87
N PHE A 239 11.75 -32.65 0.16
CA PHE A 239 13.14 -32.62 -0.25
C PHE A 239 13.22 -31.96 -1.62
N TRP A 240 13.61 -30.70 -1.64
CA TRP A 240 13.64 -29.91 -2.87
C TRP A 240 14.71 -30.46 -3.81
N ASP A 241 14.28 -31.14 -4.87
CA ASP A 241 15.22 -31.86 -5.72
C ASP A 241 15.66 -31.07 -6.95
N GLY A 242 15.02 -29.93 -7.16
CA GLY A 242 15.29 -29.09 -8.31
C GLY A 242 14.95 -27.67 -7.90
N TRP A 243 14.29 -26.92 -8.78
CA TRP A 243 13.80 -25.59 -8.41
C TRP A 243 12.95 -24.98 -9.51
N PHE A 244 12.22 -23.92 -9.17
CA PHE A 244 11.30 -23.28 -10.10
C PHE A 244 12.01 -22.17 -10.87
N ASN A 245 11.34 -21.68 -11.91
CA ASN A 245 11.90 -20.61 -12.73
C ASN A 245 11.02 -19.34 -12.72
N ARG A 246 11.63 -18.19 -12.98
CA ARG A 246 10.92 -16.92 -13.04
C ARG A 246 11.30 -16.23 -14.33
N TRP A 247 10.38 -15.42 -14.85
CA TRP A 247 10.61 -14.74 -16.12
C TRP A 247 11.90 -13.94 -16.03
N LYS A 248 12.69 -13.95 -17.10
CA LYS A 248 13.94 -13.18 -17.18
C LYS A 248 15.13 -13.81 -16.44
N GLU A 249 14.87 -14.86 -15.67
CA GLU A 249 15.91 -15.50 -14.89
C GLU A 249 16.35 -16.81 -15.52
N PRO A 250 17.67 -17.07 -15.55
CA PRO A 250 18.24 -18.24 -16.23
C PRO A 250 17.83 -19.55 -15.56
N ILE A 251 17.69 -20.59 -16.38
CA ILE A 251 17.40 -21.91 -15.85
C ILE A 251 18.69 -22.44 -15.23
N ILE A 252 18.61 -22.90 -14.00
CA ILE A 252 19.74 -23.55 -13.35
C ILE A 252 19.32 -24.95 -12.90
N THR A 253 19.98 -25.96 -13.44
CA THR A 253 19.63 -27.33 -13.13
C THR A 253 20.53 -27.85 -12.04
N ARG A 254 20.17 -29.02 -11.50
CA ARG A 254 20.94 -29.67 -10.44
C ARG A 254 21.46 -31.01 -10.94
N ASP A 255 22.72 -31.30 -10.65
CA ASP A 255 23.35 -32.55 -11.09
C ASP A 255 22.57 -33.79 -10.63
N PRO A 256 22.21 -34.67 -11.57
CA PRO A 256 21.51 -35.93 -11.27
C PRO A 256 22.18 -36.77 -10.17
N LYS A 257 23.50 -36.95 -10.27
CA LYS A 257 24.22 -37.80 -9.32
C LYS A 257 24.26 -37.18 -7.93
N GLU A 258 24.54 -35.88 -7.89
CA GLU A 258 24.60 -35.20 -6.61
C GLU A 258 23.26 -35.30 -5.92
N LEU A 259 22.19 -35.09 -6.68
CA LEU A 259 20.84 -35.15 -6.13
C LEU A 259 20.50 -36.56 -5.66
N ALA A 260 20.85 -37.55 -6.45
CA ALA A 260 20.70 -38.94 -6.03
C ALA A 260 21.45 -39.19 -4.71
N ASP A 261 22.69 -38.71 -4.64
CA ASP A 261 23.45 -38.86 -3.41
C ASP A 261 22.73 -38.20 -2.24
N ALA A 262 22.28 -36.96 -2.43
CA ALA A 262 21.58 -36.23 -1.36
C ALA A 262 20.36 -36.99 -0.87
N VAL A 263 19.61 -37.58 -1.80
CA VAL A 263 18.43 -38.37 -1.46
C VAL A 263 18.83 -39.61 -0.66
N ARG A 264 19.93 -40.23 -1.08
CA ARG A 264 20.43 -41.39 -0.35
C ARG A 264 20.66 -41.05 1.12
N GLU A 265 21.24 -39.87 1.38
CA GLU A 265 21.50 -39.47 2.74
C GLU A 265 20.22 -39.37 3.56
N VAL A 266 19.14 -38.93 2.93
CA VAL A 266 17.86 -38.80 3.63
C VAL A 266 17.32 -40.16 4.01
N LEU A 267 17.30 -41.08 3.05
CA LEU A 267 16.76 -42.41 3.26
C LEU A 267 17.59 -43.24 4.26
N GLU A 268 18.88 -42.98 4.31
CA GLU A 268 19.74 -43.67 5.28
C GLU A 268 19.28 -43.45 6.72
N GLN A 269 18.71 -42.27 7.01
CA GLN A 269 18.25 -41.94 8.37
C GLN A 269 16.74 -41.94 8.57
N GLY A 270 15.98 -41.81 7.50
CA GLY A 270 14.55 -41.65 7.65
C GLY A 270 13.77 -41.71 6.36
N SER A 271 12.66 -40.96 6.34
CA SER A 271 11.71 -40.99 5.23
C SER A 271 11.79 -39.70 4.42
N ILE A 272 11.27 -39.74 3.20
CA ILE A 272 11.40 -38.60 2.29
C ILE A 272 10.13 -38.38 1.47
N ASN A 273 9.94 -37.12 1.07
CA ASN A 273 8.98 -36.82 0.04
C ASN A 273 9.65 -35.88 -0.94
N LEU A 274 9.96 -36.42 -2.11
CA LEU A 274 10.61 -35.68 -3.16
C LEU A 274 9.71 -34.57 -3.66
N TYR A 275 10.19 -33.34 -3.58
CA TYR A 275 9.50 -32.17 -4.12
C TYR A 275 10.35 -31.54 -5.23
N MET A 276 9.98 -31.69 -6.51
CA MET A 276 8.80 -32.41 -6.99
C MET A 276 9.24 -33.73 -7.62
N PHE A 277 8.37 -34.73 -7.61
CA PHE A 277 8.68 -35.94 -8.36
C PHE A 277 8.35 -35.64 -9.81
N HIS A 278 7.16 -35.11 -10.03
CA HIS A 278 6.73 -34.60 -11.33
C HIS A 278 6.03 -33.26 -11.11
N GLY A 279 6.59 -32.19 -11.66
CA GLY A 279 6.12 -30.83 -11.43
C GLY A 279 4.96 -30.43 -12.35
N GLY A 280 5.10 -30.69 -13.64
CA GLY A 280 4.01 -30.46 -14.56
C GLY A 280 3.89 -28.99 -14.90
N THR A 281 2.66 -28.47 -14.91
CA THR A 281 2.40 -27.19 -15.55
C THR A 281 1.46 -26.31 -14.73
N ASN A 282 1.77 -25.01 -14.67
CA ASN A 282 0.83 -24.01 -14.18
C ASN A 282 -0.08 -23.54 -15.32
N PHE A 283 -1.10 -24.32 -15.63
CA PHE A 283 -1.99 -23.96 -16.73
C PHE A 283 -2.73 -22.64 -16.45
N GLY A 284 -3.19 -21.97 -17.50
CA GLY A 284 -3.97 -20.74 -17.35
C GLY A 284 -3.21 -19.68 -16.57
N PHE A 285 -3.87 -19.06 -15.58
CA PHE A 285 -3.29 -17.95 -14.84
C PHE A 285 -2.89 -18.28 -13.40
N MET A 286 -2.58 -19.54 -13.14
CA MET A 286 -2.44 -20.00 -11.75
C MET A 286 -1.00 -19.98 -11.23
N ASN A 287 -0.08 -19.43 -12.01
CA ASN A 287 1.30 -19.28 -11.54
C ASN A 287 1.36 -18.42 -10.29
N GLY A 288 2.39 -18.64 -9.48
CA GLY A 288 2.64 -17.82 -8.32
C GLY A 288 3.67 -16.73 -8.58
N CYS A 289 4.19 -16.18 -7.49
CA CYS A 289 5.05 -15.01 -7.56
C CYS A 289 5.90 -14.88 -6.30
N SER A 290 7.19 -14.63 -6.50
CA SER A 290 8.15 -14.41 -5.43
C SER A 290 8.27 -12.93 -5.11
N ALA A 291 8.78 -12.60 -3.94
CA ALA A 291 9.04 -11.20 -3.61
C ALA A 291 10.44 -11.00 -3.06
N ARG A 292 11.01 -9.85 -3.39
CA ARG A 292 12.28 -9.41 -2.81
C ARG A 292 12.08 -7.97 -2.35
N GLY A 293 12.02 -7.77 -1.04
CA GLY A 293 11.65 -6.46 -0.52
C GLY A 293 10.27 -6.08 -1.00
N THR A 294 10.17 -4.99 -1.76
CA THR A 294 8.88 -4.53 -2.26
C THR A 294 8.62 -5.03 -3.68
N LEU A 295 9.61 -5.68 -4.28
CA LEU A 295 9.55 -6.06 -5.68
C LEU A 295 8.95 -7.46 -5.89
N ASP A 296 8.09 -7.61 -6.89
CA ASP A 296 7.52 -8.91 -7.24
C ASP A 296 8.30 -9.56 -8.39
N LEU A 297 8.50 -10.86 -8.29
CA LEU A 297 9.23 -11.64 -9.29
C LEU A 297 8.36 -12.84 -9.72
N PRO A 298 7.52 -12.63 -10.75
CA PRO A 298 6.54 -13.63 -11.18
C PRO A 298 7.18 -14.91 -11.70
N GLN A 299 6.58 -16.03 -11.36
CA GLN A 299 7.08 -17.34 -11.75
C GLN A 299 6.46 -17.76 -13.09
N VAL A 300 7.15 -18.64 -13.80
CA VAL A 300 6.79 -18.99 -15.18
C VAL A 300 5.69 -20.05 -15.25
N THR A 301 5.19 -20.29 -16.47
CA THR A 301 4.10 -21.21 -16.68
C THR A 301 4.54 -22.66 -16.42
N SER A 302 5.74 -22.99 -16.89
CA SER A 302 6.24 -24.37 -16.76
C SER A 302 6.65 -24.67 -15.32
N TYR A 303 6.12 -25.73 -14.75
CA TYR A 303 6.57 -26.17 -13.44
C TYR A 303 7.40 -27.44 -13.62
N ASP A 304 8.18 -27.48 -14.70
CA ASP A 304 9.11 -28.59 -14.93
C ASP A 304 9.90 -28.84 -13.65
N TYR A 305 10.41 -27.76 -13.06
CA TYR A 305 11.06 -27.81 -11.74
C TYR A 305 12.41 -28.50 -11.76
N ASP A 306 12.86 -28.96 -12.93
CA ASP A 306 14.05 -29.81 -12.98
C ASP A 306 13.75 -31.06 -12.12
N ALA A 307 12.49 -31.49 -12.15
CA ALA A 307 12.06 -32.64 -11.34
C ALA A 307 12.55 -33.97 -11.92
N LEU A 308 12.21 -35.08 -11.27
CA LEU A 308 12.63 -36.40 -11.76
C LEU A 308 11.96 -36.74 -13.09
N LEU A 309 10.66 -36.48 -13.19
CA LEU A 309 10.00 -36.43 -14.50
C LEU A 309 9.90 -34.98 -14.98
N ASP A 310 10.20 -34.75 -16.25
CA ASP A 310 10.06 -33.41 -16.81
C ASP A 310 8.58 -33.03 -16.93
N GLU A 311 8.32 -31.82 -17.37
CA GLU A 311 6.96 -31.27 -17.39
C GLU A 311 6.02 -32.25 -18.07
N GLU A 312 6.47 -32.75 -19.22
CA GLU A 312 5.72 -33.74 -19.98
C GLU A 312 5.46 -35.02 -19.20
N GLY A 313 6.34 -35.33 -18.25
CA GLY A 313 6.21 -36.55 -17.47
C GLY A 313 7.13 -37.69 -17.86
N ASN A 314 8.15 -37.42 -18.67
CA ASN A 314 9.10 -38.47 -19.03
C ASN A 314 10.25 -38.51 -18.06
N PRO A 315 10.76 -39.72 -17.80
CA PRO A 315 11.93 -39.81 -16.92
C PRO A 315 13.08 -38.97 -17.46
N THR A 316 13.84 -38.36 -16.56
CA THR A 316 15.00 -37.58 -16.92
C THR A 316 16.27 -38.27 -16.42
N ALA A 317 17.42 -37.68 -16.72
CA ALA A 317 18.68 -38.18 -16.21
C ALA A 317 18.63 -38.30 -14.68
N LYS A 318 17.91 -37.38 -14.05
CA LYS A 318 17.77 -37.37 -12.59
C LYS A 318 16.94 -38.54 -12.10
N TYR A 319 15.86 -38.85 -12.80
CA TYR A 319 15.05 -40.04 -12.48
C TYR A 319 15.93 -41.29 -12.51
N LEU A 320 16.70 -41.44 -13.59
CA LEU A 320 17.59 -42.59 -13.75
C LEU A 320 18.68 -42.63 -12.68
N ALA A 321 19.15 -41.47 -12.26
CA ALA A 321 20.18 -41.42 -11.22
C ALA A 321 19.61 -41.94 -9.89
N VAL A 322 18.39 -41.51 -9.57
CA VAL A 322 17.74 -41.95 -8.34
C VAL A 322 17.38 -43.43 -8.40
N LYS A 323 16.98 -43.90 -9.57
CA LYS A 323 16.65 -45.32 -9.76
C LYS A 323 17.90 -46.21 -9.54
N LYS A 324 19.04 -45.77 -10.04
CA LYS A 324 20.28 -46.52 -9.85
C LYS A 324 20.69 -46.54 -8.39
N MET A 325 20.50 -45.40 -7.71
CA MET A 325 20.79 -45.28 -6.29
C MET A 325 19.89 -46.23 -5.48
N MET A 326 18.61 -46.25 -5.80
CA MET A 326 17.66 -47.14 -5.14
C MET A 326 17.99 -48.62 -5.39
N ALA A 327 18.33 -48.93 -6.64
CA ALA A 327 18.64 -50.31 -7.02
C ALA A 327 19.83 -50.83 -6.23
N THR A 328 20.78 -49.95 -5.94
CA THR A 328 22.03 -50.31 -5.27
C THR A 328 21.90 -50.35 -3.75
N HIS A 329 21.32 -49.28 -3.19
CA HIS A 329 21.32 -49.03 -1.76
C HIS A 329 20.01 -49.40 -1.08
N PHE A 330 18.95 -49.55 -1.85
CA PHE A 330 17.67 -49.91 -1.28
C PHE A 330 16.99 -50.95 -2.15
N SER A 331 17.73 -52.02 -2.44
CA SER A 331 17.31 -53.01 -3.42
C SER A 331 16.10 -53.80 -2.96
N GLU A 332 15.75 -53.67 -1.69
CA GLU A 332 14.57 -54.37 -1.18
C GLU A 332 13.29 -53.74 -1.72
N TYR A 333 13.39 -52.52 -2.23
CA TYR A 333 12.24 -51.91 -2.92
C TYR A 333 12.17 -52.30 -4.39
N PRO A 334 11.13 -53.06 -4.76
CA PRO A 334 10.94 -53.55 -6.14
C PRO A 334 10.76 -52.40 -7.10
N GLN A 335 11.39 -52.47 -8.27
CA GLN A 335 11.26 -51.44 -9.29
C GLN A 335 10.59 -51.99 -10.54
N LEU A 336 10.22 -51.10 -11.45
CA LEU A 336 9.68 -51.50 -12.75
C LEU A 336 10.32 -50.68 -13.86
N GLU A 337 10.10 -51.07 -15.10
CA GLU A 337 10.54 -50.27 -16.24
C GLU A 337 9.63 -49.04 -16.31
N PRO A 338 10.21 -47.85 -16.50
CA PRO A 338 9.40 -46.62 -16.54
C PRO A 338 8.68 -46.45 -17.89
N LEU A 339 7.64 -45.62 -17.90
CA LEU A 339 6.92 -45.33 -19.14
C LEU A 339 7.40 -44.02 -19.73
N TYR A 340 7.48 -44.00 -21.04
CA TYR A 340 7.81 -42.78 -21.76
C TYR A 340 6.68 -42.46 -22.71
N LYS A 341 6.33 -41.17 -22.80
CA LYS A 341 5.39 -40.72 -23.82
C LYS A 341 6.19 -40.17 -25.00
N GLU A 342 5.62 -40.29 -26.20
CA GLU A 342 6.27 -39.79 -27.39
C GLU A 342 5.70 -38.41 -27.75
N SER A 343 6.56 -37.56 -28.29
CA SER A 343 6.15 -36.22 -28.69
C SER A 343 6.07 -36.10 -30.20
N MET A 344 5.48 -35.01 -30.69
CA MET A 344 5.29 -34.83 -32.13
C MET A 344 5.71 -33.44 -32.55
N GLU A 345 5.84 -33.23 -33.85
CA GLU A 345 6.16 -31.91 -34.38
C GLU A 345 5.33 -31.63 -35.61
N LEU A 346 4.84 -30.41 -35.72
CA LEU A 346 4.06 -29.98 -36.89
C LEU A 346 4.57 -28.64 -37.36
N ASP A 347 4.92 -28.55 -38.65
CA ASP A 347 5.51 -27.35 -39.20
C ASP A 347 4.50 -26.36 -39.74
N ALA A 348 4.85 -25.08 -39.64
CA ALA A 348 4.13 -24.01 -40.33
C ALA A 348 2.63 -24.24 -40.45
N ILE A 349 1.92 -24.19 -39.33
CA ILE A 349 0.48 -24.13 -39.33
C ILE A 349 0.09 -22.67 -39.55
N PRO A 350 -0.57 -22.36 -40.68
CA PRO A 350 -0.79 -20.95 -41.07
C PRO A 350 -1.85 -20.24 -40.24
N LEU A 351 -1.67 -18.95 -40.01
CA LEU A 351 -2.70 -18.13 -39.40
C LEU A 351 -3.93 -18.13 -40.30
N VAL A 352 -5.09 -18.43 -39.71
CA VAL A 352 -6.37 -18.49 -40.41
C VAL A 352 -7.27 -17.27 -40.22
N GLU A 353 -7.27 -16.72 -39.01
CA GLU A 353 -8.18 -15.66 -38.58
C GLU A 353 -7.54 -14.85 -37.46
N LYS A 354 -7.91 -13.58 -37.37
CA LYS A 354 -7.45 -12.72 -36.28
C LYS A 354 -8.44 -11.61 -35.96
N VAL A 355 -8.46 -11.18 -34.70
CA VAL A 355 -9.38 -10.14 -34.25
C VAL A 355 -8.76 -9.37 -33.08
N SER A 356 -8.83 -8.05 -33.12
CA SER A 356 -8.27 -7.26 -32.02
C SER A 356 -9.21 -7.31 -30.81
N LEU A 357 -8.63 -7.23 -29.62
CA LEU A 357 -9.43 -7.32 -28.39
C LEU A 357 -10.57 -6.30 -28.39
N PHE A 358 -10.24 -5.06 -28.76
CA PHE A 358 -11.21 -3.98 -28.81
C PHE A 358 -12.44 -4.30 -29.67
N GLU A 359 -12.23 -5.10 -30.71
CA GLU A 359 -13.31 -5.43 -31.65
C GLU A 359 -14.19 -6.59 -31.17
N THR A 360 -13.65 -7.43 -30.30
CA THR A 360 -14.40 -8.57 -29.81
C THR A 360 -14.77 -8.41 -28.33
N LEU A 361 -14.51 -7.22 -27.78
CA LEU A 361 -14.77 -6.92 -26.37
C LEU A 361 -16.16 -7.33 -25.90
N ASP A 362 -17.18 -6.94 -26.66
CA ASP A 362 -18.55 -7.04 -26.18
C ASP A 362 -19.06 -8.49 -26.06
N SER A 363 -18.55 -9.40 -26.88
CA SER A 363 -18.89 -10.82 -26.71
C SER A 363 -18.08 -11.50 -25.59
N LEU A 364 -16.91 -10.96 -25.29
CA LEU A 364 -16.06 -11.52 -24.23
C LEU A 364 -16.47 -11.09 -22.82
N SER A 365 -16.99 -9.87 -22.70
CA SER A 365 -17.13 -9.22 -21.40
C SER A 365 -18.22 -8.14 -21.35
N SER A 366 -19.15 -8.27 -20.40
CA SER A 366 -20.14 -7.24 -20.15
C SER A 366 -19.59 -6.16 -19.20
N PRO A 367 -19.53 -4.90 -19.66
CA PRO A 367 -18.96 -3.80 -18.89
C PRO A 367 -19.60 -3.56 -17.52
N VAL A 368 -18.77 -3.14 -16.57
CA VAL A 368 -19.24 -2.69 -15.27
C VAL A 368 -18.92 -1.20 -15.21
N GLU A 369 -19.95 -0.37 -15.03
CA GLU A 369 -19.79 1.08 -15.06
C GLU A 369 -19.92 1.72 -13.69
N SER A 370 -18.99 2.60 -13.35
CA SER A 370 -19.06 3.28 -12.07
C SER A 370 -18.28 4.61 -12.16
N LEU A 371 -18.55 5.49 -11.22
CA LEU A 371 -17.93 6.80 -11.25
C LEU A 371 -16.44 6.68 -11.00
N TYR A 372 -16.07 6.00 -9.91
CA TYR A 372 -14.67 5.77 -9.55
C TYR A 372 -14.20 4.39 -10.03
N PRO A 373 -12.89 4.27 -10.33
CA PRO A 373 -12.34 3.02 -10.85
C PRO A 373 -12.35 1.95 -9.77
N GLN A 374 -12.58 0.71 -10.19
CA GLN A 374 -12.63 -0.43 -9.27
C GLN A 374 -11.48 -1.42 -9.48
N LYS A 375 -11.12 -2.12 -8.42
CA LYS A 375 -10.06 -3.13 -8.49
C LYS A 375 -10.61 -4.44 -9.06
N MET A 376 -9.71 -5.36 -9.40
CA MET A 376 -10.13 -6.59 -10.05
C MET A 376 -11.03 -7.46 -9.17
N GLU A 377 -10.63 -7.66 -7.92
CA GLU A 377 -11.36 -8.57 -7.03
C GLU A 377 -12.73 -7.99 -6.65
N GLU A 378 -12.79 -6.68 -6.43
CA GLU A 378 -14.06 -6.09 -6.05
C GLU A 378 -15.06 -6.10 -7.21
N LEU A 379 -14.57 -6.35 -8.41
CA LEU A 379 -15.43 -6.54 -9.57
C LEU A 379 -15.87 -7.99 -9.66
N GLY A 380 -15.22 -8.87 -8.91
CA GLY A 380 -15.58 -10.28 -8.91
C GLY A 380 -14.65 -11.15 -9.74
N GLN A 381 -13.52 -10.58 -10.14
CA GLN A 381 -12.61 -11.31 -11.02
C GLN A 381 -11.37 -11.72 -10.23
N SER A 382 -10.91 -12.94 -10.47
CA SER A 382 -9.76 -13.46 -9.76
C SER A 382 -8.50 -13.40 -10.62
N TYR A 383 -8.63 -13.79 -11.90
CA TYR A 383 -7.47 -13.98 -12.77
C TYR A 383 -7.67 -13.40 -14.15
N GLY A 384 -6.56 -13.10 -14.82
CA GLY A 384 -6.58 -12.67 -16.20
C GLY A 384 -6.32 -11.18 -16.34
N TYR A 385 -7.05 -10.56 -17.27
CA TYR A 385 -6.82 -9.19 -17.67
C TYR A 385 -8.07 -8.38 -17.34
N LEU A 386 -7.90 -7.06 -17.23
CA LEU A 386 -9.00 -6.17 -16.87
C LEU A 386 -8.84 -4.89 -17.66
N LEU A 387 -9.80 -4.57 -18.52
CA LEU A 387 -9.72 -3.34 -19.31
C LEU A 387 -10.48 -2.20 -18.63
N TYR A 388 -9.78 -1.08 -18.40
CA TYR A 388 -10.39 0.13 -17.89
C TYR A 388 -10.60 1.06 -19.07
N ARG A 389 -11.82 1.57 -19.20
CA ARG A 389 -12.14 2.47 -20.32
C ARG A 389 -12.83 3.74 -19.82
N THR A 390 -12.30 4.88 -20.26
CA THR A 390 -12.98 6.15 -20.01
C THR A 390 -12.90 7.05 -21.24
N GLU A 391 -13.68 8.11 -21.22
CA GLU A 391 -13.62 9.10 -22.29
C GLU A 391 -13.27 10.43 -21.69
N THR A 392 -12.46 11.20 -22.40
CA THR A 392 -12.01 12.49 -21.91
C THR A 392 -11.56 13.41 -23.04
N ASN A 393 -11.67 14.71 -22.86
CA ASN A 393 -11.12 15.63 -23.86
C ASN A 393 -9.82 16.26 -23.38
N TRP A 394 -8.99 16.66 -24.34
CA TRP A 394 -7.67 17.17 -24.02
C TRP A 394 -7.72 18.68 -23.83
N ASP A 395 -7.21 19.14 -22.70
CA ASP A 395 -7.33 20.55 -22.33
C ASP A 395 -6.06 21.32 -22.63
N ALA A 396 -5.10 20.65 -23.25
CA ALA A 396 -3.87 21.29 -23.66
C ALA A 396 -3.27 20.47 -24.80
N GLU A 397 -2.36 21.09 -25.54
CA GLU A 397 -1.72 20.43 -26.66
C GLU A 397 -1.10 19.10 -26.22
N GLU A 398 -0.40 19.14 -25.09
CA GLU A 398 0.14 17.94 -24.48
C GLU A 398 -0.28 17.88 -23.03
N GLU A 399 -0.78 16.73 -22.60
CA GLU A 399 -1.15 16.56 -21.21
C GLU A 399 -0.44 15.36 -20.59
N ARG A 400 -0.33 15.39 -19.27
CA ARG A 400 0.34 14.32 -18.55
C ARG A 400 -0.71 13.34 -18.02
N LEU A 401 -0.42 12.05 -18.17
CA LEU A 401 -1.24 11.01 -17.58
C LEU A 401 -0.40 10.23 -16.58
N ARG A 402 -0.99 9.84 -15.46
CA ARG A 402 -0.32 8.93 -14.52
C ARG A 402 -1.30 7.88 -14.01
N ILE A 403 -0.85 6.64 -13.94
CA ILE A 403 -1.63 5.59 -13.32
C ILE A 403 -1.19 5.43 -11.86
N ILE A 404 -2.10 5.70 -10.93
CA ILE A 404 -1.74 5.69 -9.51
C ILE A 404 -2.14 4.38 -8.83
N ASP A 405 -1.14 3.64 -8.38
CA ASP A 405 -1.37 2.40 -7.62
C ASP A 405 -2.04 1.30 -8.47
N GLY A 406 -1.44 1.02 -9.62
CA GLY A 406 -1.90 -0.04 -10.50
C GLY A 406 -0.90 -1.21 -10.47
N ARG A 407 -1.41 -2.42 -10.66
CA ARG A 407 -0.60 -3.65 -10.73
C ARG A 407 -1.36 -4.67 -11.58
N ASP A 408 -0.66 -5.53 -12.32
CA ASP A 408 0.79 -5.66 -12.31
C ASP A 408 1.46 -5.01 -13.52
N ARG A 409 0.74 -5.02 -14.64
CA ARG A 409 1.26 -4.45 -15.89
C ARG A 409 0.14 -3.68 -16.56
N ALA A 410 0.46 -2.53 -17.14
CA ALA A 410 -0.56 -1.66 -17.72
C ALA A 410 -0.21 -1.26 -19.15
N GLN A 411 -1.18 -1.37 -20.04
CA GLN A 411 -1.02 -0.88 -21.41
C GLN A 411 -2.09 0.17 -21.68
N LEU A 412 -1.65 1.36 -22.08
CA LEU A 412 -2.53 2.51 -22.24
C LEU A 412 -2.69 2.87 -23.72
N TYR A 413 -3.93 2.99 -24.17
CA TYR A 413 -4.22 3.40 -25.54
C TYR A 413 -5.16 4.62 -25.54
N VAL A 414 -4.96 5.50 -26.52
CA VAL A 414 -5.86 6.65 -26.70
C VAL A 414 -6.46 6.54 -28.09
N ASP A 415 -7.77 6.39 -28.16
CA ASP A 415 -8.44 6.17 -29.43
C ASP A 415 -7.79 5.03 -30.22
N GLY A 416 -7.51 3.92 -29.54
CA GLY A 416 -7.02 2.71 -30.18
C GLY A 416 -5.53 2.71 -30.43
N GLN A 417 -4.91 3.87 -30.28
CA GLN A 417 -3.47 4.02 -30.52
C GLN A 417 -2.68 3.82 -29.23
N TRP A 418 -1.67 2.94 -29.28
CA TRP A 418 -0.83 2.66 -28.13
C TRP A 418 0.05 3.83 -27.73
N VAL A 419 0.06 4.15 -26.44
CA VAL A 419 0.88 5.24 -25.94
C VAL A 419 2.04 4.75 -25.09
N LYS A 420 1.76 3.78 -24.23
CA LYS A 420 2.75 3.38 -23.26
C LYS A 420 2.38 2.07 -22.59
N THR A 421 3.41 1.33 -22.23
CA THR A 421 3.27 0.14 -21.42
C THR A 421 4.17 0.29 -20.20
N GLN A 422 3.60 0.02 -19.02
CA GLN A 422 4.34 0.14 -17.77
C GLN A 422 4.20 -1.14 -16.94
N TYR A 423 5.31 -1.66 -16.46
CA TYR A 423 5.28 -2.88 -15.66
C TYR A 423 5.68 -2.58 -14.24
N GLN A 424 4.86 -3.05 -13.30
CA GLN A 424 5.15 -2.93 -11.86
C GLN A 424 5.60 -1.53 -11.46
N THR A 425 6.85 -1.37 -11.05
CA THR A 425 7.28 -0.06 -10.56
C THR A 425 7.28 1.05 -11.61
N GLU A 426 7.20 0.70 -12.89
CA GLU A 426 7.07 1.72 -13.93
C GLU A 426 5.72 2.39 -13.85
N ILE A 427 4.73 1.66 -13.32
CA ILE A 427 3.38 2.18 -13.21
C ILE A 427 3.37 3.36 -12.25
N GLY A 428 2.90 4.51 -12.74
CA GLY A 428 2.94 5.73 -11.96
C GLY A 428 3.89 6.76 -12.54
N GLU A 429 4.77 6.33 -13.44
CA GLU A 429 5.64 7.26 -14.14
C GLU A 429 4.82 8.12 -15.10
N ASP A 430 5.28 9.34 -15.32
CA ASP A 430 4.57 10.30 -16.18
C ASP A 430 4.41 9.77 -17.60
N ILE A 431 3.19 9.88 -18.12
CA ILE A 431 2.93 9.56 -19.50
C ILE A 431 2.47 10.83 -20.23
N PHE A 432 3.23 11.25 -21.23
CA PHE A 432 2.88 12.47 -21.96
C PHE A 432 2.24 12.16 -23.29
N TYR A 433 1.18 12.90 -23.60
CA TYR A 433 0.39 12.61 -24.79
C TYR A 433 -0.19 13.88 -25.40
N GLN A 434 -0.13 13.96 -26.73
CA GLN A 434 -0.69 15.08 -27.48
C GLN A 434 -2.05 14.67 -28.05
N GLY A 435 -3.13 15.15 -27.44
CA GLY A 435 -4.45 14.63 -27.72
C GLY A 435 -5.21 15.26 -28.87
N LYS A 436 -6.28 14.58 -29.28
CA LYS A 436 -7.15 15.06 -30.35
C LYS A 436 -7.50 16.52 -30.18
N LYS A 437 -7.67 17.21 -31.31
CA LYS A 437 -7.95 18.62 -31.29
C LYS A 437 -9.35 18.89 -30.73
N LYS A 438 -10.26 17.94 -30.92
CA LYS A 438 -11.67 18.18 -30.61
C LYS A 438 -12.39 16.95 -30.06
N GLY A 439 -13.30 17.20 -29.13
CA GLY A 439 -14.20 16.17 -28.64
C GLY A 439 -13.56 15.15 -27.70
N LEU A 440 -14.31 14.11 -27.37
CA LEU A 440 -13.89 13.10 -26.42
C LEU A 440 -12.97 12.08 -27.07
N SER A 441 -11.90 11.74 -26.37
CA SER A 441 -11.02 10.65 -26.77
C SER A 441 -11.26 9.43 -25.88
N ARG A 442 -11.07 8.25 -26.45
CA ARG A 442 -11.26 7.01 -25.71
C ARG A 442 -9.93 6.65 -25.06
N LEU A 443 -9.96 6.51 -23.73
CA LEU A 443 -8.78 6.12 -22.99
C LEU A 443 -8.97 4.67 -22.55
N ASP A 444 -8.12 3.79 -23.07
CA ASP A 444 -8.14 2.37 -22.72
C ASP A 444 -6.90 1.98 -21.95
N ILE A 445 -7.08 1.32 -20.80
CA ILE A 445 -5.96 0.82 -20.02
C ILE A 445 -6.16 -0.66 -19.77
N LEU A 446 -5.33 -1.49 -20.38
CA LEU A 446 -5.41 -2.93 -20.17
C LEU A 446 -4.50 -3.34 -19.04
N ILE A 447 -5.07 -3.89 -17.99
CA ILE A 447 -4.28 -4.37 -16.87
C ILE A 447 -4.21 -5.89 -16.89
N GLU A 448 -3.04 -6.42 -16.54
CA GLU A 448 -2.84 -7.83 -16.35
C GLU A 448 -2.52 -8.15 -14.87
N ASN A 449 -3.18 -9.16 -14.33
CA ASN A 449 -2.76 -9.76 -13.07
C ASN A 449 -1.76 -10.85 -13.41
N MET A 450 -0.50 -10.62 -13.07
CA MET A 450 0.57 -11.54 -13.44
C MET A 450 0.88 -12.59 -12.39
N GLY A 451 0.06 -12.63 -11.34
CA GLY A 451 0.19 -13.67 -10.33
C GLY A 451 0.47 -13.13 -8.94
N ARG A 452 -0.44 -13.41 -8.02
CA ARG A 452 -0.28 -12.97 -6.63
C ARG A 452 0.84 -13.71 -5.90
N VAL A 453 1.61 -12.94 -5.13
CA VAL A 453 2.71 -13.49 -4.36
C VAL A 453 2.20 -14.63 -3.47
N ASN A 454 2.95 -15.72 -3.42
CA ASN A 454 2.48 -16.91 -2.74
C ASN A 454 3.18 -17.20 -1.41
N TYR A 455 3.88 -16.22 -0.83
CA TYR A 455 4.74 -16.49 0.32
C TYR A 455 5.25 -15.20 0.97
N GLY A 456 5.48 -15.27 2.28
CA GLY A 456 6.29 -14.27 2.97
C GLY A 456 5.66 -12.95 3.36
N HIS A 457 6.51 -11.94 3.51
CA HIS A 457 6.08 -10.67 4.08
C HIS A 457 5.12 -9.91 3.17
N LYS A 458 5.21 -10.14 1.85
CA LYS A 458 4.34 -9.47 0.88
C LYS A 458 3.06 -10.24 0.57
N PHE A 459 2.86 -11.33 1.31
CA PHE A 459 1.72 -12.21 1.08
C PHE A 459 0.40 -11.44 1.18
N LEU A 460 0.33 -10.43 2.05
CA LEU A 460 -0.88 -9.64 2.18
C LEU A 460 -0.64 -8.17 1.88
N ALA A 461 0.39 -7.88 1.10
CA ALA A 461 0.64 -6.52 0.63
C ALA A 461 -0.55 -5.94 -0.14
N ASP A 462 -0.64 -4.62 -0.17
CA ASP A 462 -1.71 -3.94 -0.89
C ASP A 462 -1.65 -4.26 -2.38
N THR A 463 -0.45 -4.54 -2.87
CA THR A 463 -0.25 -4.86 -4.27
C THR A 463 -0.86 -6.22 -4.68
N GLN A 464 -1.33 -7.01 -3.71
CA GLN A 464 -1.98 -8.29 -4.03
C GLN A 464 -3.33 -8.09 -4.69
N ARG A 465 -3.96 -6.95 -4.42
CA ARG A 465 -5.20 -6.58 -5.11
C ARG A 465 -4.84 -5.92 -6.44
N LYS A 466 -5.26 -6.53 -7.54
CA LYS A 466 -4.79 -6.13 -8.85
C LYS A 466 -5.72 -5.12 -9.51
N GLY A 467 -5.22 -4.47 -10.55
CA GLY A 467 -5.94 -3.40 -11.19
C GLY A 467 -5.46 -2.08 -10.63
N ILE A 468 -6.31 -1.06 -10.69
CA ILE A 468 -5.94 0.29 -10.31
C ILE A 468 -6.62 0.63 -8.99
N ARG A 469 -5.82 0.81 -7.94
CA ARG A 469 -6.36 0.92 -6.60
C ARG A 469 -6.65 2.36 -6.16
N THR A 470 -6.06 3.34 -6.84
CA THR A 470 -6.28 4.73 -6.47
C THR A 470 -6.93 5.46 -7.63
N GLY A 471 -6.25 5.53 -8.77
CA GLY A 471 -6.86 6.10 -9.95
C GLY A 471 -5.96 6.42 -11.12
N VAL A 472 -6.52 7.12 -12.10
CA VAL A 472 -5.74 7.59 -13.22
C VAL A 472 -5.81 9.11 -13.25
N CYS A 473 -4.66 9.75 -13.11
CA CYS A 473 -4.60 11.21 -13.10
CA CYS A 473 -4.59 11.20 -13.09
C CYS A 473 -4.34 11.76 -14.49
N LYS A 474 -5.08 12.81 -14.84
CA LYS A 474 -4.82 13.56 -16.07
C LYS A 474 -4.60 15.01 -15.64
N ASP A 475 -3.47 15.57 -16.05
CA ASP A 475 -2.98 16.81 -15.46
C ASP A 475 -2.85 16.56 -13.97
N LEU A 476 -3.66 17.24 -13.16
CA LEU A 476 -3.62 17.06 -11.71
C LEU A 476 -4.87 16.42 -11.09
N HIS A 477 -5.82 15.97 -11.91
CA HIS A 477 -7.06 15.45 -11.37
C HIS A 477 -7.29 13.98 -11.76
N PHE A 478 -7.91 13.23 -10.85
CA PHE A 478 -8.28 11.87 -11.17
C PHE A 478 -9.48 11.84 -12.14
N LEU A 479 -9.40 10.96 -13.14
CA LEU A 479 -10.49 10.79 -14.11
C LEU A 479 -11.64 9.96 -13.55
N LEU A 480 -12.86 10.37 -13.86
CA LEU A 480 -14.06 9.64 -13.44
C LEU A 480 -14.83 9.10 -14.64
N ASN A 481 -15.83 8.27 -14.35
CA ASN A 481 -16.68 7.63 -15.35
C ASN A 481 -15.96 6.50 -16.09
N TRP A 482 -15.91 5.33 -15.46
CA TRP A 482 -15.17 4.18 -15.98
C TRP A 482 -16.10 3.05 -16.38
N LYS A 483 -15.78 2.43 -17.51
CA LYS A 483 -16.38 1.16 -17.89
C LYS A 483 -15.30 0.12 -17.69
N HIS A 484 -15.62 -0.90 -16.90
CA HIS A 484 -14.66 -1.97 -16.63
C HIS A 484 -15.07 -3.23 -17.40
N TYR A 485 -14.14 -3.84 -18.12
CA TYR A 485 -14.41 -5.10 -18.81
C TYR A 485 -13.51 -6.17 -18.24
N PRO A 486 -14.03 -6.96 -17.27
CA PRO A 486 -13.23 -8.05 -16.73
C PRO A 486 -12.98 -9.05 -17.84
N LEU A 487 -11.72 -9.48 -17.97
CA LEU A 487 -11.32 -10.39 -19.02
C LEU A 487 -10.59 -11.61 -18.46
N PRO A 488 -11.32 -12.49 -17.76
CA PRO A 488 -10.72 -13.73 -17.26
C PRO A 488 -10.26 -14.65 -18.40
N LEU A 489 -10.88 -14.50 -19.56
CA LEU A 489 -10.53 -15.31 -20.73
C LEU A 489 -10.74 -16.79 -20.49
N ASP A 490 -11.77 -17.12 -19.72
CA ASP A 490 -12.20 -18.49 -19.52
C ASP A 490 -13.27 -18.83 -20.56
N ASN A 491 -13.50 -17.91 -21.50
CA ASN A 491 -14.55 -18.06 -22.50
C ASN A 491 -14.03 -17.82 -23.93
N PRO A 492 -13.02 -18.60 -24.35
CA PRO A 492 -12.40 -18.36 -25.67
C PRO A 492 -13.37 -18.66 -26.82
N GLU A 493 -14.44 -19.39 -26.53
CA GLU A 493 -15.45 -19.67 -27.55
C GLU A 493 -16.24 -18.41 -27.88
N LYS A 494 -16.14 -17.39 -27.02
CA LYS A 494 -16.82 -16.12 -27.25
C LYS A 494 -15.99 -15.17 -28.10
N ILE A 495 -14.80 -15.59 -28.50
CA ILE A 495 -13.98 -14.72 -29.35
C ILE A 495 -14.59 -14.69 -30.75
N ASP A 496 -14.88 -13.49 -31.23
CA ASP A 496 -15.51 -13.29 -32.55
C ASP A 496 -14.48 -12.91 -33.60
N PHE A 497 -13.92 -13.91 -34.29
CA PHE A 497 -12.92 -13.65 -35.31
C PHE A 497 -13.49 -13.01 -36.57
N SER A 498 -14.80 -12.82 -36.61
CA SER A 498 -15.44 -12.15 -37.76
C SER A 498 -15.30 -10.63 -37.65
N LYS A 499 -15.00 -10.13 -36.47
CA LYS A 499 -14.81 -8.68 -36.30
C LYS A 499 -13.41 -8.27 -36.78
N GLY A 500 -13.10 -6.99 -36.67
CA GLY A 500 -11.92 -6.43 -37.30
C GLY A 500 -10.63 -6.57 -36.51
N TRP A 501 -9.52 -6.21 -37.15
CA TRP A 501 -8.22 -6.32 -36.52
C TRP A 501 -7.36 -5.11 -36.86
N THR A 502 -6.54 -4.68 -35.92
CA THR A 502 -5.68 -3.53 -36.11
C THR A 502 -4.30 -3.78 -35.55
N GLN A 503 -3.27 -3.37 -36.29
CA GLN A 503 -1.90 -3.51 -35.82
C GLN A 503 -1.66 -2.74 -34.52
N GLY A 504 -0.67 -3.19 -33.75
CA GLY A 504 -0.27 -2.51 -32.53
C GLY A 504 -1.31 -2.53 -31.42
N GLN A 505 -2.11 -3.59 -31.38
CA GLN A 505 -3.12 -3.75 -30.35
C GLN A 505 -3.14 -5.18 -29.83
N PRO A 506 -3.58 -5.37 -28.58
CA PRO A 506 -3.84 -6.74 -28.13
C PRO A 506 -4.84 -7.38 -29.06
N ALA A 507 -4.65 -8.67 -29.33
CA ALA A 507 -5.48 -9.34 -30.32
C ALA A 507 -5.42 -10.85 -30.16
N PHE A 508 -6.37 -11.52 -30.81
CA PHE A 508 -6.41 -12.96 -30.86
C PHE A 508 -6.06 -13.44 -32.28
N TYR A 509 -5.36 -14.56 -32.36
CA TYR A 509 -4.93 -15.13 -33.62
C TYR A 509 -5.23 -16.62 -33.61
N ALA A 510 -5.86 -17.13 -34.68
CA ALA A 510 -6.24 -18.54 -34.72
C ALA A 510 -5.44 -19.34 -35.74
N TYR A 511 -4.95 -20.51 -35.33
CA TYR A 511 -4.21 -21.38 -36.23
C TYR A 511 -4.81 -22.79 -36.20
N ASP A 512 -5.25 -23.26 -37.36
CA ASP A 512 -5.93 -24.55 -37.43
C ASP A 512 -5.01 -25.65 -37.97
N PHE A 513 -5.25 -26.86 -37.53
CA PHE A 513 -4.48 -28.00 -38.01
C PHE A 513 -5.21 -29.29 -37.70
N THR A 514 -4.85 -30.35 -38.43
CA THR A 514 -5.46 -31.64 -38.20
C THR A 514 -4.43 -32.59 -37.61
N VAL A 515 -4.88 -33.45 -36.70
CA VAL A 515 -3.99 -34.38 -36.06
C VAL A 515 -4.53 -35.81 -36.17
N GLU A 516 -3.70 -36.71 -36.65
CA GLU A 516 -4.11 -38.10 -36.77
C GLU A 516 -3.96 -38.80 -35.43
N GLU A 517 -2.75 -38.76 -34.88
CA GLU A 517 -2.50 -39.34 -33.57
C GLU A 517 -2.01 -38.27 -32.60
N PRO A 518 -2.90 -37.84 -31.68
CA PRO A 518 -2.54 -36.82 -30.69
C PRO A 518 -1.35 -37.26 -29.83
N LYS A 519 -0.28 -36.47 -29.89
CA LYS A 519 0.90 -36.67 -29.06
C LYS A 519 1.27 -35.34 -28.39
N ASP A 520 2.00 -35.44 -27.29
CA ASP A 520 2.57 -34.28 -26.63
C ASP A 520 3.35 -33.47 -27.66
N THR A 521 3.40 -32.16 -27.47
CA THR A 521 4.18 -31.29 -28.32
C THR A 521 4.33 -29.92 -27.66
N TYR A 522 5.20 -29.08 -28.20
CA TYR A 522 5.46 -27.77 -27.63
C TYR A 522 5.15 -26.66 -28.63
N LEU A 523 4.31 -25.71 -28.22
CA LEU A 523 4.00 -24.54 -29.05
C LEU A 523 5.15 -23.56 -28.96
N ASP A 524 5.82 -23.32 -30.09
CA ASP A 524 6.93 -22.38 -30.13
C ASP A 524 6.40 -20.95 -30.16
N LEU A 525 6.61 -20.20 -29.08
CA LEU A 525 6.12 -18.82 -29.03
C LEU A 525 7.26 -17.82 -28.96
N SER A 526 8.42 -18.24 -29.45
CA SER A 526 9.63 -17.42 -29.38
C SER A 526 9.53 -16.10 -30.13
N GLU A 527 8.61 -16.03 -31.08
CA GLU A 527 8.45 -14.84 -31.90
C GLU A 527 7.10 -14.15 -31.66
N PHE A 528 6.46 -14.49 -30.55
CA PHE A 528 5.30 -13.77 -30.07
C PHE A 528 5.72 -12.99 -28.84
N GLY A 529 5.16 -11.79 -28.67
CA GLY A 529 5.55 -10.92 -27.59
C GLY A 529 5.22 -11.44 -26.21
N LYS A 530 3.94 -11.39 -25.85
CA LYS A 530 3.49 -11.77 -24.51
C LYS A 530 2.01 -12.06 -24.61
N GLY A 531 1.52 -12.94 -23.74
CA GLY A 531 0.10 -13.25 -23.70
C GLY A 531 -0.21 -14.64 -23.19
N VAL A 532 -1.28 -15.24 -23.71
CA VAL A 532 -1.63 -16.61 -23.35
C VAL A 532 -2.04 -17.36 -24.62
N ALA A 533 -2.03 -18.68 -24.56
CA ALA A 533 -2.43 -19.47 -25.72
C ALA A 533 -3.43 -20.54 -25.33
N PHE A 534 -4.38 -20.82 -26.23
CA PHE A 534 -5.40 -21.82 -26.00
C PHE A 534 -5.26 -22.90 -27.06
N VAL A 535 -5.62 -24.12 -26.70
CA VAL A 535 -5.75 -25.21 -27.67
C VAL A 535 -7.09 -25.88 -27.39
N ASN A 536 -7.94 -25.93 -28.41
CA ASN A 536 -9.30 -26.43 -28.26
C ASN A 536 -10.01 -25.84 -27.04
N GLY A 537 -9.85 -24.54 -26.82
CA GLY A 537 -10.53 -23.86 -25.74
C GLY A 537 -9.89 -24.02 -24.36
N GLN A 538 -8.76 -24.72 -24.29
CA GLN A 538 -8.06 -24.94 -23.02
C GLN A 538 -6.89 -23.99 -22.86
N ASN A 539 -6.89 -23.18 -21.80
CA ASN A 539 -5.81 -22.22 -21.59
C ASN A 539 -4.51 -22.90 -21.17
N LEU A 540 -3.51 -22.89 -22.05
CA LEU A 540 -2.20 -23.50 -21.78
C LEU A 540 -1.37 -22.74 -20.73
N GLY A 541 -1.63 -21.44 -20.59
CA GLY A 541 -0.85 -20.62 -19.68
C GLY A 541 -0.15 -19.50 -20.41
N ARG A 542 0.75 -18.80 -19.73
CA ARG A 542 1.35 -17.58 -20.25
C ARG A 542 2.63 -17.82 -21.05
N PHE A 543 2.89 -16.92 -22.00
CA PHE A 543 4.18 -16.88 -22.70
C PHE A 543 4.69 -15.46 -22.66
N TRP A 544 6.00 -15.31 -22.76
CA TRP A 544 6.64 -14.01 -22.73
C TRP A 544 8.03 -14.15 -23.33
N ASN A 545 8.35 -13.34 -24.32
CA ASN A 545 9.56 -13.54 -25.11
C ASN A 545 10.84 -13.18 -24.37
N VAL A 546 10.71 -12.71 -23.13
CA VAL A 546 11.86 -12.52 -22.27
C VAL A 546 12.45 -13.88 -21.81
N GLY A 547 11.67 -14.95 -21.92
CA GLY A 547 12.11 -16.26 -21.51
C GLY A 547 12.22 -16.41 -19.99
N PRO A 548 12.97 -17.43 -19.51
CA PRO A 548 13.78 -18.40 -20.25
C PRO A 548 12.97 -19.37 -21.09
N THR A 549 11.75 -19.65 -20.67
CA THR A 549 10.86 -20.52 -21.45
C THR A 549 10.30 -19.76 -22.64
N LEU A 550 10.30 -20.37 -23.82
CA LEU A 550 9.74 -19.74 -25.01
C LEU A 550 8.66 -20.58 -25.67
N SER A 551 8.27 -21.68 -25.02
CA SER A 551 7.23 -22.56 -25.52
C SER A 551 6.16 -22.74 -24.47
N LEU A 552 5.04 -23.31 -24.89
CA LEU A 552 4.02 -23.82 -23.98
C LEU A 552 3.84 -25.29 -24.28
N TYR A 553 3.96 -26.12 -23.25
CA TYR A 553 3.76 -27.56 -23.39
C TYR A 553 2.29 -27.80 -23.69
N ILE A 554 2.03 -28.67 -24.67
CA ILE A 554 0.68 -29.11 -24.97
C ILE A 554 0.56 -30.62 -24.73
N PRO A 555 -0.21 -31.00 -23.70
CA PRO A 555 -0.40 -32.43 -23.41
C PRO A 555 -1.18 -33.12 -24.52
N HIS A 556 -0.91 -34.41 -24.72
CA HIS A 556 -1.61 -35.14 -25.76
C HIS A 556 -3.11 -35.05 -25.55
N SER A 557 -3.53 -35.09 -24.29
CA SER A 557 -4.96 -35.10 -23.98
C SER A 557 -5.66 -33.79 -24.29
N TYR A 558 -4.89 -32.74 -24.59
CA TYR A 558 -5.47 -31.45 -24.97
C TYR A 558 -5.76 -31.41 -26.46
N LEU A 559 -5.20 -32.37 -27.19
CA LEU A 559 -5.40 -32.45 -28.63
C LEU A 559 -6.53 -33.41 -28.98
N LYS A 560 -7.04 -33.29 -30.20
CA LYS A 560 -8.11 -34.12 -30.70
C LYS A 560 -7.65 -34.85 -31.94
N GLU A 561 -8.22 -36.03 -32.15
CA GLU A 561 -8.06 -36.72 -33.41
C GLU A 561 -8.84 -35.87 -34.41
N GLY A 562 -8.15 -35.42 -35.46
CA GLY A 562 -8.78 -34.58 -36.47
C GLY A 562 -8.39 -33.11 -36.39
N ALA A 563 -9.40 -32.24 -36.45
CA ALA A 563 -9.21 -30.80 -36.53
C ALA A 563 -8.93 -30.19 -35.16
N ASN A 564 -7.90 -29.37 -35.08
CA ASN A 564 -7.58 -28.70 -33.82
C ASN A 564 -7.37 -27.22 -34.08
N ARG A 565 -7.65 -26.39 -33.07
CA ARG A 565 -7.45 -24.96 -33.19
C ARG A 565 -6.74 -24.39 -31.98
N ILE A 566 -5.59 -23.76 -32.23
CA ILE A 566 -4.90 -22.98 -31.21
C ILE A 566 -5.33 -21.53 -31.36
N ILE A 567 -5.60 -20.88 -30.23
CA ILE A 567 -5.82 -19.44 -30.20
C ILE A 567 -4.77 -18.78 -29.34
N ILE A 568 -4.16 -17.75 -29.90
CA ILE A 568 -3.15 -17.01 -29.18
C ILE A 568 -3.63 -15.59 -28.91
N PHE A 569 -3.63 -15.22 -27.63
CA PHE A 569 -3.89 -13.84 -27.25
C PHE A 569 -2.55 -13.18 -27.05
N GLU A 570 -2.23 -12.21 -27.89
CA GLU A 570 -0.94 -11.55 -27.82
C GLU A 570 -1.12 -10.04 -27.59
N THR A 571 -0.38 -9.49 -26.64
CA THR A 571 -0.65 -8.14 -26.16
C THR A 571 0.31 -7.08 -26.68
N GLU A 572 1.45 -7.51 -27.19
CA GLU A 572 2.55 -6.58 -27.49
C GLU A 572 2.53 -6.07 -28.92
N GLY A 573 1.67 -6.65 -29.76
CA GLY A 573 1.61 -6.34 -31.18
C GLY A 573 2.52 -7.22 -32.01
N GLN A 574 3.16 -8.20 -31.37
CA GLN A 574 4.12 -9.06 -32.05
C GLN A 574 3.60 -10.48 -32.22
N TYR A 575 3.35 -10.86 -33.47
CA TYR A 575 2.86 -12.20 -33.80
C TYR A 575 3.48 -12.65 -35.12
N LYS A 576 3.24 -13.90 -35.49
CA LYS A 576 3.67 -14.40 -36.78
C LYS A 576 2.51 -15.10 -37.51
N GLU A 577 2.60 -15.16 -38.84
CA GLU A 577 1.53 -15.68 -39.69
C GLU A 577 1.34 -17.20 -39.61
N GLU A 578 2.17 -17.86 -38.81
CA GLU A 578 2.07 -19.30 -38.66
C GLU A 578 2.85 -19.74 -37.42
N ILE A 579 2.48 -20.89 -36.89
CA ILE A 579 3.13 -21.43 -35.70
C ILE A 579 3.76 -22.78 -36.00
N HIS A 580 4.76 -23.14 -35.20
CA HIS A 580 5.36 -24.47 -35.26
C HIS A 580 5.08 -25.17 -33.94
N LEU A 581 4.76 -26.44 -34.00
CA LEU A 581 4.75 -27.28 -32.80
C LEU A 581 6.01 -28.13 -32.85
N THR A 582 6.75 -28.18 -31.75
CA THR A 582 8.01 -28.92 -31.71
C THR A 582 7.97 -30.09 -30.73
N ARG A 583 8.98 -30.96 -30.84
CA ARG A 583 9.05 -32.15 -30.01
C ARG A 583 9.70 -31.83 -28.66
N LYS A 584 10.47 -30.76 -28.64
CA LYS A 584 11.15 -30.32 -27.42
C LYS A 584 10.95 -28.83 -27.22
N PRO A 585 10.97 -28.37 -25.95
CA PRO A 585 10.73 -26.96 -25.67
C PRO A 585 11.80 -26.08 -26.28
N THR A 586 11.43 -24.83 -26.55
CA THR A 586 12.38 -23.84 -27.01
C THR A 586 12.73 -22.96 -25.81
N LEU A 587 14.03 -22.77 -25.58
CA LEU A 587 14.47 -21.96 -24.45
C LEU A 587 15.30 -20.79 -24.93
N LYS A 588 15.35 -19.75 -24.09
CA LYS A 588 16.16 -18.56 -24.35
C LYS A 588 17.39 -18.58 -23.48
N HIS A 589 18.56 -18.50 -24.10
CA HIS A 589 19.81 -18.53 -23.36
C HIS A 589 20.03 -17.24 -22.59
N ILE A 590 19.93 -17.34 -21.27
CA ILE A 590 20.13 -16.21 -20.36
C ILE A 590 21.44 -16.39 -19.60
N LYS A 591 22.12 -15.27 -19.33
CA LYS A 591 23.39 -15.29 -18.64
C LYS A 591 23.30 -15.89 -17.23
N GLY A 592 24.19 -16.84 -16.94
CA GLY A 592 24.25 -17.48 -15.64
C GLY A 592 23.71 -18.90 -15.64
N GLU A 593 22.90 -19.19 -16.66
CA GLU A 593 22.21 -20.47 -16.77
C GLU A 593 23.12 -21.68 -16.53
N ASN A 594 22.51 -22.79 -16.18
CA ASN A 594 23.20 -24.07 -16.10
C ASN A 594 22.36 -25.13 -16.79
N LEU A 595 22.63 -25.31 -18.08
CA LEU A 595 21.90 -26.27 -18.91
C LEU A 595 20.48 -25.78 -19.19
N THR B 2 -28.91 43.20 -1.11
CA THR B 2 -27.68 42.50 -0.73
C THR B 2 -26.50 43.45 -0.70
N ARG B 3 -25.79 43.47 0.42
CA ARG B 3 -24.70 44.43 0.60
C ARG B 3 -23.48 44.08 -0.25
N PHE B 4 -23.26 42.79 -0.48
CA PHE B 4 -22.14 42.35 -1.31
C PHE B 4 -22.61 41.46 -2.46
N GLU B 5 -22.34 41.91 -3.68
CA GLU B 5 -22.82 41.22 -4.87
C GLU B 5 -21.67 40.93 -5.82
N ILE B 6 -21.78 39.82 -6.54
CA ILE B 6 -20.86 39.56 -7.64
C ILE B 6 -21.63 39.69 -8.96
N ARG B 7 -21.23 40.66 -9.76
CA ARG B 7 -21.82 40.83 -11.08
C ARG B 7 -20.71 40.98 -12.13
N ASP B 8 -20.69 42.11 -12.83
CA ASP B 8 -19.63 42.41 -13.78
C ASP B 8 -18.39 42.79 -13.01
N ASP B 9 -18.57 42.97 -11.71
CA ASP B 9 -17.53 43.41 -10.80
C ASP B 9 -18.01 43.02 -9.41
N PHE B 10 -17.15 43.14 -8.40
CA PHE B 10 -17.60 43.07 -7.02
C PHE B 10 -18.28 44.40 -6.67
N TYR B 11 -19.44 44.33 -6.05
CA TYR B 11 -20.12 45.52 -5.58
C TYR B 11 -20.46 45.43 -4.10
N LEU B 12 -19.97 46.39 -3.33
CA LEU B 12 -20.27 46.47 -1.92
C LEU B 12 -21.16 47.69 -1.67
N ASP B 13 -22.39 47.45 -1.24
CA ASP B 13 -23.35 48.54 -1.05
C ASP B 13 -23.52 49.37 -2.32
N GLY B 14 -23.79 48.69 -3.44
CA GLY B 14 -24.06 49.35 -4.70
C GLY B 14 -22.84 49.91 -5.41
N LYS B 15 -21.70 49.91 -4.73
CA LYS B 15 -20.50 50.53 -5.28
C LYS B 15 -19.42 49.52 -5.68
N SER B 16 -18.73 49.82 -6.78
CA SER B 16 -17.61 49.01 -7.23
C SER B 16 -16.59 48.82 -6.11
N PHE B 17 -16.10 47.59 -5.94
CA PHE B 17 -15.24 47.27 -4.81
C PHE B 17 -14.07 46.39 -5.24
N LYS B 18 -12.86 46.81 -4.90
CA LYS B 18 -11.68 45.98 -5.07
C LYS B 18 -11.32 45.31 -3.74
N ILE B 19 -11.26 43.98 -3.74
CA ILE B 19 -10.93 43.26 -2.51
C ILE B 19 -9.42 43.22 -2.30
N LEU B 20 -8.99 43.72 -1.15
CA LEU B 20 -7.59 43.70 -0.74
C LEU B 20 -7.44 42.85 0.51
N SER B 21 -7.09 41.59 0.30
CA SER B 21 -7.16 40.60 1.36
C SER B 21 -5.79 40.01 1.69
N GLY B 22 -5.61 39.64 2.95
CA GLY B 22 -4.43 38.92 3.39
C GLY B 22 -4.82 37.68 4.14
N ALA B 23 -4.12 36.57 3.89
CA ALA B 23 -4.38 35.35 4.67
C ALA B 23 -3.69 35.37 6.04
N ILE B 24 -4.47 35.12 7.09
CA ILE B 24 -4.00 34.92 8.44
C ILE B 24 -4.83 33.80 9.02
N HIS B 25 -4.19 32.69 9.31
CA HIS B 25 -4.91 31.55 9.84
C HIS B 25 -4.99 31.67 11.35
N TYR B 26 -6.22 31.76 11.87
CA TYR B 26 -6.41 32.02 13.29
C TYR B 26 -5.74 30.92 14.09
N PHE B 27 -5.76 29.70 13.55
CA PHE B 27 -5.23 28.55 14.27
C PHE B 27 -3.70 28.48 14.24
N ARG B 28 -3.07 29.40 13.52
CA ARG B 28 -1.61 29.45 13.44
C ARG B 28 -1.02 30.63 14.21
N VAL B 29 -1.89 31.52 14.70
CA VAL B 29 -1.46 32.66 15.52
C VAL B 29 -2.14 32.58 16.88
N PRO B 30 -1.39 32.75 17.97
CA PRO B 30 -2.10 32.71 19.26
C PRO B 30 -3.12 33.85 19.38
N PRO B 31 -4.25 33.61 20.06
CA PRO B 31 -5.39 34.53 20.18
C PRO B 31 -4.99 35.91 20.70
N GLU B 32 -3.93 35.94 21.50
CA GLU B 32 -3.47 37.19 22.07
C GLU B 32 -2.80 38.07 21.02
N ASP B 33 -2.48 37.50 19.87
CA ASP B 33 -1.87 38.27 18.79
C ASP B 33 -2.78 38.41 17.55
N TRP B 34 -4.03 37.99 17.67
CA TRP B 34 -4.97 38.20 16.58
C TRP B 34 -5.14 39.69 16.33
N TYR B 35 -5.32 40.46 17.39
CA TYR B 35 -5.47 41.91 17.19
C TYR B 35 -4.23 42.46 16.50
N HIS B 36 -3.06 42.14 17.04
CA HIS B 36 -1.80 42.59 16.47
C HIS B 36 -1.71 42.34 14.98
N SER B 37 -1.95 41.10 14.55
CA SER B 37 -1.77 40.72 13.16
C SER B 37 -2.84 41.30 12.25
N LEU B 38 -4.08 41.32 12.72
CA LEU B 38 -5.16 41.94 11.96
C LEU B 38 -4.93 43.45 11.87
N TYR B 39 -4.44 44.06 12.94
CA TYR B 39 -4.15 45.49 12.88
C TYR B 39 -3.15 45.75 11.76
N ASN B 40 -2.10 44.95 11.68
CA ASN B 40 -1.02 45.20 10.72
C ASN B 40 -1.43 44.99 9.28
N LEU B 41 -2.47 44.18 9.07
CA LEU B 41 -3.05 44.00 7.75
C LEU B 41 -3.82 45.27 7.38
N LYS B 42 -4.61 45.74 8.33
CA LYS B 42 -5.33 47.00 8.16
C LYS B 42 -4.38 48.15 7.84
N ALA B 43 -3.31 48.25 8.62
CA ALA B 43 -2.32 49.33 8.50
C ALA B 43 -1.66 49.34 7.14
N LEU B 44 -1.66 48.18 6.48
CA LEU B 44 -1.10 48.04 5.14
C LEU B 44 -1.96 48.77 4.12
N GLY B 45 -3.20 49.07 4.49
CA GLY B 45 -4.15 49.66 3.56
C GLY B 45 -5.10 48.65 2.94
N PHE B 46 -4.93 47.38 3.31
CA PHE B 46 -5.79 46.29 2.84
C PHE B 46 -7.13 46.31 3.59
N ASN B 47 -8.17 45.75 2.97
CA ASN B 47 -9.52 45.84 3.54
C ASN B 47 -10.17 44.55 4.06
N THR B 48 -9.48 43.42 3.92
CA THR B 48 -10.13 42.12 4.13
C THR B 48 -9.13 41.13 4.70
N VAL B 49 -9.56 40.28 5.63
CA VAL B 49 -8.75 39.15 6.05
C VAL B 49 -9.36 37.85 5.53
N GLU B 50 -8.53 36.88 5.18
CA GLU B 50 -9.01 35.57 4.74
C GLU B 50 -8.38 34.49 5.61
N THR B 51 -9.19 33.49 5.96
CA THR B 51 -8.70 32.34 6.69
C THR B 51 -9.40 31.04 6.30
N TYR B 52 -8.64 29.95 6.35
CA TYR B 52 -9.19 28.63 6.28
C TYR B 52 -9.86 28.34 7.61
N VAL B 53 -10.63 27.25 7.65
CA VAL B 53 -11.11 26.67 8.90
C VAL B 53 -10.63 25.22 8.93
N ALA B 54 -10.00 24.80 10.02
CA ALA B 54 -9.40 23.46 10.10
C ALA B 54 -10.33 22.48 10.78
N TRP B 55 -10.95 21.63 9.98
CA TRP B 55 -11.83 20.58 10.48
C TRP B 55 -11.18 19.72 11.58
N ASN B 56 -9.93 19.29 11.37
CA ASN B 56 -9.28 18.42 12.35
C ASN B 56 -9.10 19.03 13.74
N LEU B 57 -9.01 20.35 13.81
CA LEU B 57 -8.92 21.05 15.09
C LEU B 57 -10.28 21.15 15.78
N HIS B 58 -11.33 21.44 15.02
CA HIS B 58 -12.66 21.63 15.58
C HIS B 58 -13.40 20.34 15.93
N GLU B 59 -13.09 19.25 15.24
CA GLU B 59 -13.66 17.95 15.58
C GLU B 59 -12.56 16.89 15.74
N PRO B 60 -11.74 17.03 16.80
CA PRO B 60 -10.57 16.20 17.05
C PRO B 60 -10.96 14.74 17.29
N CYS B 61 -12.19 14.51 17.75
CA CYS B 61 -12.76 13.18 17.85
C CYS B 61 -14.18 13.28 17.35
N GLU B 62 -14.66 12.25 16.67
CA GLU B 62 -16.00 12.34 16.10
C GLU B 62 -17.03 12.74 17.16
N GLY B 63 -17.74 13.83 16.88
CA GLY B 63 -18.83 14.26 17.73
C GLY B 63 -18.39 15.14 18.88
N GLU B 64 -17.10 15.42 18.97
CA GLU B 64 -16.57 16.28 20.01
C GLU B 64 -16.05 17.59 19.41
N PHE B 65 -16.78 18.67 19.67
CA PHE B 65 -16.51 19.93 18.99
C PHE B 65 -15.92 21.01 19.90
N HIS B 66 -15.01 21.79 19.34
CA HIS B 66 -14.32 22.83 20.09
C HIS B 66 -14.22 24.08 19.24
N PHE B 67 -14.65 25.20 19.81
CA PHE B 67 -14.63 26.49 19.11
C PHE B 67 -14.26 27.61 20.08
N GLU B 68 -13.52 27.26 21.12
CA GLU B 68 -13.10 28.21 22.15
C GLU B 68 -11.59 28.37 22.17
N GLY B 69 -11.14 29.44 22.82
CA GLY B 69 -9.72 29.64 23.04
C GLY B 69 -8.95 29.85 21.75
N ASP B 70 -7.94 29.02 21.53
CA ASP B 70 -7.12 29.10 20.32
C ASP B 70 -7.97 28.83 19.08
N LEU B 71 -9.14 28.22 19.28
CA LEU B 71 -10.01 27.86 18.16
C LEU B 71 -11.24 28.77 18.04
N ASP B 72 -11.23 29.89 18.74
CA ASP B 72 -12.38 30.80 18.72
C ASP B 72 -12.41 31.65 17.45
N LEU B 73 -12.74 30.99 16.34
CA LEU B 73 -12.88 31.63 15.04
C LEU B 73 -13.84 32.83 15.06
N GLU B 74 -14.95 32.69 15.78
CA GLU B 74 -15.93 33.77 15.92
C GLU B 74 -15.29 35.03 16.50
N LYS B 75 -14.41 34.85 17.47
CA LYS B 75 -13.71 35.97 18.11
C LYS B 75 -12.66 36.57 17.17
N PHE B 76 -11.99 35.70 16.41
CA PHE B 76 -11.04 36.15 15.41
C PHE B 76 -11.74 37.04 14.39
N LEU B 77 -12.95 36.64 14.00
CA LEU B 77 -13.74 37.40 13.03
C LEU B 77 -14.27 38.72 13.63
N GLN B 78 -14.60 38.71 14.91
CA GLN B 78 -15.12 39.90 15.58
C GLN B 78 -14.06 40.98 15.73
N ILE B 79 -12.82 40.56 15.99
CA ILE B 79 -11.70 41.49 16.11
C ILE B 79 -11.41 42.09 14.76
N ALA B 80 -11.58 41.28 13.72
CA ALA B 80 -11.43 41.76 12.35
C ALA B 80 -12.46 42.85 12.02
N GLN B 81 -13.72 42.60 12.37
CA GLN B 81 -14.80 43.54 12.10
C GLN B 81 -14.58 44.84 12.87
N ASP B 82 -14.23 44.70 14.14
CA ASP B 82 -13.92 45.83 15.00
C ASP B 82 -12.81 46.71 14.44
N LEU B 83 -11.81 46.09 13.82
CA LEU B 83 -10.78 46.84 13.12
C LEU B 83 -11.26 47.33 11.76
N GLY B 84 -12.54 47.14 11.48
CA GLY B 84 -13.11 47.59 10.22
C GLY B 84 -12.65 46.78 9.02
N LEU B 85 -12.38 45.49 9.25
CA LEU B 85 -11.98 44.58 8.18
C LEU B 85 -13.11 43.65 7.77
N TYR B 86 -13.26 43.45 6.47
CA TYR B 86 -14.15 42.42 5.95
C TYR B 86 -13.44 41.08 6.05
N ALA B 87 -14.16 40.01 5.76
CA ALA B 87 -13.59 38.68 5.88
C ALA B 87 -14.02 37.75 4.74
N ILE B 88 -13.09 36.91 4.30
CA ILE B 88 -13.40 35.76 3.45
C ILE B 88 -13.10 34.51 4.23
N VAL B 89 -14.06 33.60 4.31
CA VAL B 89 -13.83 32.33 5.02
C VAL B 89 -13.81 31.16 4.05
N ARG B 90 -12.82 30.30 4.19
CA ARG B 90 -12.76 29.09 3.41
C ARG B 90 -12.87 27.91 4.36
N PRO B 91 -14.07 27.32 4.40
CA PRO B 91 -14.45 26.36 5.43
C PRO B 91 -14.44 24.94 4.90
N SER B 92 -13.66 24.73 3.85
CA SER B 92 -13.66 23.46 3.12
C SER B 92 -13.24 22.32 4.05
N PRO B 93 -13.87 21.14 3.91
CA PRO B 93 -13.41 19.99 4.69
C PRO B 93 -11.93 19.73 4.44
N PHE B 94 -11.49 19.99 3.22
CA PHE B 94 -10.09 19.84 2.84
C PHE B 94 -9.55 21.23 2.51
N ILE B 95 -8.53 21.66 3.27
CA ILE B 95 -7.95 22.97 3.09
C ILE B 95 -6.52 22.95 2.53
N CYS B 96 -5.95 21.76 2.36
CA CYS B 96 -4.56 21.64 1.94
C CYS B 96 -3.65 22.33 2.97
N ALA B 97 -3.28 23.57 2.68
CA ALA B 97 -2.74 24.51 3.69
C ALA B 97 -1.43 24.12 4.38
N GLU B 98 -0.69 23.17 3.80
CA GLU B 98 0.48 22.62 4.48
C GLU B 98 0.08 22.23 5.90
N TRP B 99 -1.06 21.58 6.02
CA TRP B 99 -1.63 21.27 7.32
C TRP B 99 -1.94 19.78 7.42
N GLU B 100 -1.84 19.20 8.62
CA GLU B 100 -2.00 17.76 8.80
C GLU B 100 -3.18 17.22 8.00
N PHE B 101 -2.90 16.28 7.11
CA PHE B 101 -3.95 15.57 6.37
C PHE B 101 -4.86 16.56 5.64
N GLY B 102 -4.31 17.72 5.29
CA GLY B 102 -5.04 18.79 4.64
C GLY B 102 -6.27 19.26 5.38
N GLY B 103 -6.25 19.15 6.70
CA GLY B 103 -7.37 19.57 7.52
C GLY B 103 -8.34 18.46 7.88
N LEU B 104 -8.20 17.28 7.26
CA LEU B 104 -9.15 16.21 7.51
C LEU B 104 -8.84 15.55 8.84
N PRO B 105 -9.87 15.28 9.64
CA PRO B 105 -9.68 14.56 10.91
C PRO B 105 -9.11 13.16 10.64
N ALA B 106 -8.18 12.72 11.48
CA ALA B 106 -7.51 11.43 11.27
C ALA B 106 -8.47 10.28 11.51
N TRP B 107 -9.46 10.50 12.38
CA TRP B 107 -10.43 9.44 12.67
C TRP B 107 -11.23 9.05 11.43
N LEU B 108 -11.23 9.90 10.41
CA LEU B 108 -11.86 9.54 9.15
C LEU B 108 -11.23 8.28 8.54
N LEU B 109 -9.95 8.05 8.85
CA LEU B 109 -9.22 6.92 8.30
C LEU B 109 -9.73 5.60 8.87
N THR B 110 -10.51 5.68 9.95
CA THR B 110 -11.12 4.49 10.52
C THR B 110 -12.50 4.23 9.91
N LYS B 111 -12.95 5.11 9.04
CA LYS B 111 -14.30 4.99 8.48
C LYS B 111 -14.32 4.29 7.13
N ASN B 112 -15.42 3.58 6.86
CA ASN B 112 -15.65 3.01 5.54
C ASN B 112 -16.27 4.10 4.66
N MET B 113 -15.41 4.87 4.00
CA MET B 113 -15.88 5.94 3.12
C MET B 113 -14.80 6.28 2.11
N ARG B 114 -15.23 6.90 1.01
CA ARG B 114 -14.29 7.49 0.07
C ARG B 114 -14.16 8.97 0.42
N ILE B 115 -13.06 9.31 1.07
CA ILE B 115 -12.84 10.67 1.51
C ILE B 115 -12.67 11.59 0.30
N ARG B 116 -13.20 12.80 0.41
CA ARG B 116 -13.05 13.81 -0.64
C ARG B 116 -13.73 13.42 -1.96
N SER B 117 -14.99 13.04 -1.85
CA SER B 117 -15.75 12.57 -3.00
C SER B 117 -17.23 12.78 -2.70
N SER B 118 -18.07 12.42 -3.67
CA SER B 118 -19.51 12.46 -3.48
C SER B 118 -20.03 11.23 -2.68
N ASP B 119 -19.11 10.40 -2.19
CA ASP B 119 -19.50 9.32 -1.28
C ASP B 119 -20.35 9.89 -0.15
N PRO B 120 -21.60 9.44 -0.03
CA PRO B 120 -22.53 10.00 0.96
C PRO B 120 -22.08 9.78 2.41
N ALA B 121 -21.35 8.70 2.66
CA ALA B 121 -20.80 8.47 3.98
C ALA B 121 -19.94 9.67 4.36
N TYR B 122 -19.13 10.11 3.41
CA TYR B 122 -18.24 11.26 3.58
C TYR B 122 -19.01 12.58 3.66
N ILE B 123 -19.94 12.77 2.72
CA ILE B 123 -20.78 13.96 2.73
C ILE B 123 -21.50 14.10 4.07
N GLU B 124 -22.08 13.01 4.56
CA GLU B 124 -22.78 13.03 5.85
C GLU B 124 -21.88 13.55 6.97
N ALA B 125 -20.65 13.06 7.02
CA ALA B 125 -19.69 13.52 8.03
C ALA B 125 -19.47 15.02 7.90
N VAL B 126 -19.22 15.47 6.68
CA VAL B 126 -19.00 16.90 6.43
C VAL B 126 -20.24 17.68 6.88
N GLY B 127 -21.43 17.13 6.64
CA GLY B 127 -22.68 17.74 7.08
C GLY B 127 -22.74 17.96 8.58
N ARG B 128 -22.47 16.92 9.36
CA ARG B 128 -22.49 17.05 10.81
C ARG B 128 -21.49 18.08 11.29
N TYR B 129 -20.35 18.12 10.61
CA TYR B 129 -19.34 19.12 10.92
C TYR B 129 -19.89 20.51 10.61
N TYR B 130 -20.53 20.67 9.45
CA TYR B 130 -21.11 21.96 9.06
C TYR B 130 -22.28 22.38 9.95
N ASP B 131 -23.04 21.39 10.41
CA ASP B 131 -24.14 21.64 11.35
C ASP B 131 -23.66 22.38 12.59
N GLN B 132 -22.37 22.24 12.90
CA GLN B 132 -21.79 22.88 14.07
C GLN B 132 -21.09 24.16 13.68
N LEU B 133 -20.38 24.13 12.55
CA LEU B 133 -19.59 25.28 12.12
C LEU B 133 -20.45 26.38 11.51
N LEU B 134 -21.28 26.02 10.55
CA LEU B 134 -22.01 27.02 9.77
C LEU B 134 -22.93 27.94 10.58
N PRO B 135 -23.65 27.41 11.57
CA PRO B 135 -24.50 28.27 12.38
C PRO B 135 -23.71 29.39 13.07
N ARG B 136 -22.42 29.16 13.28
CA ARG B 136 -21.57 30.15 13.89
C ARG B 136 -21.11 31.22 12.90
N LEU B 137 -21.14 30.90 11.61
CA LEU B 137 -20.69 31.84 10.61
C LEU B 137 -21.81 32.65 9.97
N VAL B 138 -23.00 32.05 9.89
CA VAL B 138 -24.13 32.67 9.21
C VAL B 138 -24.51 34.04 9.79
N PRO B 139 -24.53 34.16 11.13
CA PRO B 139 -24.83 35.48 11.68
C PRO B 139 -23.72 36.47 11.34
N ARG B 140 -22.56 35.98 10.94
CA ARG B 140 -21.43 36.86 10.68
C ARG B 140 -21.27 37.20 9.20
N LEU B 141 -22.23 36.78 8.39
CA LEU B 141 -22.30 37.23 7.01
C LEU B 141 -22.58 38.73 7.04
N LEU B 142 -22.04 39.46 6.05
CA LEU B 142 -22.19 40.91 6.01
C LEU B 142 -23.68 41.28 6.02
N ASP B 143 -24.46 40.64 5.15
CA ASP B 143 -25.89 40.88 5.08
C ASP B 143 -26.55 40.78 6.45
N ASN B 144 -26.06 39.85 7.27
CA ASN B 144 -26.64 39.61 8.58
C ASN B 144 -26.01 40.47 9.69
N GLY B 145 -25.09 41.34 9.31
CA GLY B 145 -24.51 42.27 10.26
C GLY B 145 -23.08 41.95 10.68
N GLY B 146 -22.53 40.88 10.11
CA GLY B 146 -21.13 40.54 10.33
C GLY B 146 -20.22 41.21 9.31
N ASN B 147 -19.14 40.54 8.95
CA ASN B 147 -18.18 41.09 7.99
C ASN B 147 -17.75 40.12 6.89
N ILE B 148 -18.38 38.95 6.86
CA ILE B 148 -17.99 37.91 5.91
C ILE B 148 -18.57 38.21 4.53
N LEU B 149 -17.69 38.33 3.54
CA LEU B 149 -18.10 38.69 2.18
C LEU B 149 -18.55 37.47 1.36
N MET B 150 -17.76 36.40 1.43
CA MET B 150 -18.05 35.20 0.65
C MET B 150 -17.24 34.03 1.16
N MET B 151 -17.61 32.82 0.76
CA MET B 151 -16.94 31.64 1.27
C MET B 151 -16.62 30.64 0.15
N GLN B 152 -15.57 29.87 0.36
CA GLN B 152 -15.09 28.94 -0.64
C GLN B 152 -15.72 27.56 -0.53
N VAL B 153 -15.98 26.95 -1.70
CA VAL B 153 -16.44 25.57 -1.82
C VAL B 153 -15.23 24.68 -2.14
N GLU B 154 -14.95 23.70 -1.28
CA GLU B 154 -13.79 22.82 -1.45
C GLU B 154 -12.54 23.68 -1.55
N ASN B 155 -11.50 23.18 -2.20
CA ASN B 155 -10.25 23.94 -2.29
C ASN B 155 -9.34 23.33 -3.35
N GLU B 156 -9.09 24.07 -4.44
CA GLU B 156 -8.31 23.55 -5.55
C GLU B 156 -8.73 22.14 -5.93
N TYR B 157 -10.04 21.92 -6.00
CA TYR B 157 -10.54 20.59 -6.28
C TYR B 157 -10.09 20.14 -7.67
N GLY B 158 -9.86 21.11 -8.56
CA GLY B 158 -9.38 20.80 -9.89
C GLY B 158 -8.00 20.15 -9.91
N SER B 159 -7.30 20.22 -8.78
CA SER B 159 -6.01 19.56 -8.64
C SER B 159 -6.16 18.25 -7.88
N TYR B 160 -7.36 17.67 -7.94
CA TYR B 160 -7.61 16.39 -7.29
C TYR B 160 -8.64 15.50 -8.02
N GLY B 161 -9.73 16.11 -8.48
CA GLY B 161 -10.77 15.32 -9.12
C GLY B 161 -11.66 16.10 -10.05
N GLU B 162 -12.68 15.43 -10.57
CA GLU B 162 -13.68 16.09 -11.44
C GLU B 162 -15.09 15.68 -11.04
N ASP B 163 -15.26 15.25 -9.79
CA ASP B 163 -16.56 14.79 -9.29
C ASP B 163 -17.50 15.97 -9.03
N LYS B 164 -18.31 16.33 -10.02
CA LYS B 164 -19.15 17.52 -9.90
C LYS B 164 -20.21 17.38 -8.81
N ALA B 165 -20.72 16.17 -8.63
CA ALA B 165 -21.67 15.86 -7.59
C ALA B 165 -21.09 16.23 -6.22
N TYR B 166 -19.78 16.03 -6.08
CA TYR B 166 -19.11 16.39 -4.85
C TYR B 166 -19.17 17.92 -4.65
N LEU B 167 -18.76 18.68 -5.65
CA LEU B 167 -18.80 20.13 -5.55
C LEU B 167 -20.23 20.64 -5.30
N ARG B 168 -21.21 20.04 -5.99
CA ARG B 168 -22.61 20.41 -5.77
C ARG B 168 -23.10 20.07 -4.36
N ALA B 169 -22.61 18.97 -3.81
CA ALA B 169 -23.04 18.56 -2.49
C ALA B 169 -22.59 19.56 -1.42
N ILE B 170 -21.32 19.98 -1.51
CA ILE B 170 -20.79 20.95 -0.57
C ILE B 170 -21.55 22.29 -0.68
N ARG B 171 -21.70 22.78 -1.89
CA ARG B 171 -22.45 24.02 -2.13
C ARG B 171 -23.85 23.90 -1.51
N GLN B 172 -24.48 22.75 -1.71
CA GLN B 172 -25.82 22.49 -1.20
C GLN B 172 -25.87 22.49 0.32
N LEU B 173 -24.93 21.81 0.95
CA LEU B 173 -24.83 21.78 2.41
C LEU B 173 -24.73 23.19 2.99
N MET B 174 -23.97 24.04 2.33
CA MET B 174 -23.75 25.39 2.85
C MET B 174 -25.04 26.18 2.70
N GLU B 175 -25.64 26.11 1.52
CA GLU B 175 -26.89 26.82 1.25
C GLU B 175 -28.00 26.46 2.23
N GLU B 176 -28.19 25.17 2.48
CA GLU B 176 -29.28 24.76 3.37
C GLU B 176 -28.97 24.98 4.85
N CYS B 177 -27.73 25.37 5.15
CA CYS B 177 -27.38 25.77 6.51
C CYS B 177 -27.61 27.27 6.69
N GLY B 178 -27.96 27.94 5.60
CA GLY B 178 -28.28 29.35 5.66
C GLY B 178 -27.21 30.27 5.14
N VAL B 179 -26.19 29.72 4.48
CA VAL B 179 -25.16 30.56 3.87
C VAL B 179 -25.67 31.17 2.56
N THR B 180 -25.90 32.48 2.59
CA THR B 180 -26.53 33.18 1.48
C THR B 180 -25.58 34.15 0.77
N CYS B 181 -24.37 34.31 1.31
CA CYS B 181 -23.37 35.15 0.66
C CYS B 181 -22.92 34.44 -0.61
N PRO B 182 -22.20 35.16 -1.49
CA PRO B 182 -21.68 34.49 -2.68
C PRO B 182 -20.68 33.40 -2.32
N LEU B 183 -20.66 32.32 -3.11
CA LEU B 183 -19.73 31.21 -2.89
C LEU B 183 -18.81 31.13 -4.10
N PHE B 184 -17.65 30.48 -3.96
CA PHE B 184 -16.67 30.48 -5.04
C PHE B 184 -15.72 29.28 -4.90
N THR B 185 -14.99 28.99 -5.97
CA THR B 185 -13.94 27.99 -5.94
C THR B 185 -12.62 28.68 -6.22
N SER B 186 -11.52 28.06 -5.81
CA SER B 186 -10.21 28.53 -6.25
C SER B 186 -9.44 27.38 -6.90
N ASP B 187 -8.71 27.69 -7.96
CA ASP B 187 -7.97 26.67 -8.69
C ASP B 187 -6.75 27.26 -9.38
N GLY B 188 -5.87 26.38 -9.86
CA GLY B 188 -4.81 26.79 -10.79
C GLY B 188 -5.46 27.43 -12.00
N PRO B 189 -4.86 28.51 -12.52
CA PRO B 189 -5.48 29.27 -13.60
C PRO B 189 -5.18 28.72 -15.01
N TRP B 190 -5.30 27.40 -15.19
CA TRP B 190 -5.24 26.82 -16.53
C TRP B 190 -6.45 25.94 -16.79
N ARG B 191 -6.67 25.59 -18.05
CA ARG B 191 -7.91 24.97 -18.46
C ARG B 191 -8.22 23.72 -17.64
N ALA B 192 -7.26 22.80 -17.56
CA ALA B 192 -7.49 21.52 -16.93
C ALA B 192 -8.07 21.68 -15.51
N THR B 193 -7.40 22.48 -14.70
CA THR B 193 -7.82 22.67 -13.30
C THR B 193 -9.12 23.49 -13.19
N LEU B 194 -9.23 24.52 -14.01
CA LEU B 194 -10.47 25.29 -14.05
C LEU B 194 -11.66 24.42 -14.45
N LYS B 195 -11.51 23.58 -15.45
CA LYS B 195 -12.64 22.75 -15.86
C LYS B 195 -13.06 21.80 -14.74
N ALA B 196 -12.06 21.14 -14.14
CA ALA B 196 -12.32 20.06 -13.19
C ALA B 196 -12.76 20.58 -11.82
N GLY B 197 -12.28 21.76 -11.44
CA GLY B 197 -12.49 22.24 -10.09
C GLY B 197 -13.70 23.12 -9.85
N THR B 198 -14.42 23.47 -10.90
CA THR B 198 -15.43 24.52 -10.80
C THR B 198 -16.86 24.07 -11.13
N LEU B 199 -17.82 24.92 -10.78
CA LEU B 199 -19.21 24.76 -11.22
C LEU B 199 -19.62 26.04 -11.96
N ILE B 200 -18.77 26.46 -12.90
CA ILE B 200 -19.01 27.69 -13.64
C ILE B 200 -20.32 27.64 -14.44
N GLU B 201 -20.65 26.47 -14.97
CA GLU B 201 -21.87 26.35 -15.74
C GLU B 201 -23.08 26.45 -14.82
N GLU B 202 -22.85 26.33 -13.52
CA GLU B 202 -23.92 26.50 -12.55
C GLU B 202 -23.77 27.81 -11.78
N ASP B 203 -23.04 28.74 -12.38
CA ASP B 203 -22.95 30.10 -11.88
C ASP B 203 -22.16 30.25 -10.59
N LEU B 204 -21.32 29.26 -10.30
CA LEU B 204 -20.47 29.30 -9.11
C LEU B 204 -19.20 30.08 -9.42
N PHE B 205 -18.98 31.18 -8.69
CA PHE B 205 -17.87 32.10 -8.95
C PHE B 205 -16.51 31.39 -8.94
N VAL B 206 -15.62 31.83 -9.81
CA VAL B 206 -14.34 31.17 -10.01
C VAL B 206 -13.19 32.12 -9.71
N THR B 207 -12.23 31.68 -8.90
CA THR B 207 -11.03 32.45 -8.65
C THR B 207 -9.80 31.61 -8.97
N GLY B 208 -8.66 32.27 -9.14
CA GLY B 208 -7.42 31.59 -9.44
C GLY B 208 -6.36 31.76 -8.37
N ASN B 209 -5.49 30.76 -8.24
CA ASN B 209 -4.36 30.82 -7.31
C ASN B 209 -3.04 30.80 -8.06
N PHE B 210 -2.13 31.70 -7.69
CA PHE B 210 -0.84 31.80 -8.39
C PHE B 210 0.05 32.81 -7.69
N GLY B 211 1.33 32.80 -8.01
CA GLY B 211 2.29 33.62 -7.29
C GLY B 211 3.13 34.55 -8.15
N SER B 212 2.75 34.67 -9.42
CA SER B 212 3.45 35.56 -10.33
C SER B 212 2.70 35.65 -11.65
N LYS B 213 3.15 36.57 -12.50
CA LYS B 213 2.59 36.72 -13.84
C LYS B 213 1.05 36.85 -13.83
N ALA B 214 0.55 37.78 -13.03
CA ALA B 214 -0.88 38.05 -12.99
C ALA B 214 -1.50 38.27 -14.38
N PRO B 215 -0.83 39.06 -15.23
CA PRO B 215 -1.36 39.30 -16.59
C PRO B 215 -1.66 38.01 -17.35
N TYR B 216 -0.70 37.10 -17.46
CA TYR B 216 -0.94 35.84 -18.17
C TYR B 216 -2.00 35.00 -17.48
N ASN B 217 -1.86 34.82 -16.16
CA ASN B 217 -2.78 34.00 -15.40
C ASN B 217 -4.23 34.51 -15.44
N PHE B 218 -4.39 35.81 -15.25
CA PHE B 218 -5.71 36.40 -15.36
C PHE B 218 -6.30 36.22 -16.75
N SER B 219 -5.45 36.25 -17.78
CA SER B 219 -5.95 36.11 -19.14
C SER B 219 -6.48 34.70 -19.35
N GLN B 220 -5.78 33.70 -18.82
CA GLN B 220 -6.29 32.33 -18.89
C GLN B 220 -7.65 32.28 -18.20
N MET B 221 -7.77 32.95 -17.06
CA MET B 221 -9.05 33.00 -16.36
C MET B 221 -10.12 33.73 -17.16
N GLN B 222 -9.74 34.85 -17.75
CA GLN B 222 -10.66 35.64 -18.56
C GLN B 222 -11.17 34.83 -19.76
N GLU B 223 -10.25 34.13 -20.42
CA GLU B 223 -10.63 33.27 -21.55
C GLU B 223 -11.61 32.19 -21.12
N PHE B 224 -11.45 31.69 -19.90
CA PHE B 224 -12.35 30.67 -19.37
C PHE B 224 -13.72 31.28 -19.08
N PHE B 225 -13.74 32.46 -18.48
CA PHE B 225 -14.98 33.19 -18.22
C PHE B 225 -15.72 33.47 -19.53
N ASP B 226 -15.01 34.06 -20.49
CA ASP B 226 -15.63 34.36 -21.79
C ASP B 226 -16.23 33.12 -22.44
N GLU B 227 -15.51 32.01 -22.38
CA GLU B 227 -16.02 30.77 -22.94
C GLU B 227 -17.39 30.41 -22.38
N HIS B 228 -17.64 30.79 -21.12
CA HIS B 228 -18.90 30.44 -20.46
C HIS B 228 -19.86 31.62 -20.34
N GLY B 229 -19.54 32.71 -21.04
CA GLY B 229 -20.41 33.87 -21.07
C GLY B 229 -20.46 34.64 -19.75
N LYS B 230 -19.47 34.44 -18.88
CA LYS B 230 -19.46 35.09 -17.58
C LYS B 230 -18.78 36.46 -17.62
N LYS B 231 -19.49 37.48 -17.14
CA LYS B 231 -18.92 38.80 -16.97
C LYS B 231 -18.61 38.94 -15.50
N TRP B 232 -17.39 38.62 -15.13
CA TRP B 232 -17.00 38.50 -13.73
C TRP B 232 -15.72 39.26 -13.43
N PRO B 233 -15.59 39.74 -12.20
CA PRO B 233 -14.33 40.37 -11.76
C PRO B 233 -13.24 39.31 -11.67
N LEU B 234 -11.99 39.75 -11.75
CA LEU B 234 -10.84 38.87 -11.63
C LEU B 234 -10.31 38.90 -10.21
N MET B 235 -10.18 37.73 -9.60
CA MET B 235 -9.59 37.64 -8.28
C MET B 235 -8.59 36.52 -8.14
N CYS B 236 -7.44 36.84 -7.57
CA CYS B 236 -6.47 35.83 -7.20
C CYS B 236 -6.72 35.50 -5.73
N MET B 237 -7.26 34.31 -5.48
CA MET B 237 -7.66 33.90 -4.13
C MET B 237 -6.47 33.49 -3.27
N GLU B 238 -5.35 33.20 -3.93
CA GLU B 238 -4.10 32.92 -3.24
C GLU B 238 -2.98 33.43 -4.11
N PHE B 239 -2.40 34.57 -3.73
CA PHE B 239 -1.20 35.03 -4.39
C PHE B 239 -0.02 34.61 -3.53
N TRP B 240 0.62 33.51 -3.91
CA TRP B 240 1.71 32.96 -3.10
C TRP B 240 2.88 33.95 -3.06
N ASP B 241 3.07 34.59 -1.91
CA ASP B 241 4.03 35.69 -1.79
C ASP B 241 5.36 35.25 -1.20
N GLY B 242 5.37 34.01 -0.72
CA GLY B 242 6.59 33.37 -0.24
C GLY B 242 6.46 31.89 -0.53
N TRP B 243 6.85 31.06 0.44
CA TRP B 243 6.65 29.62 0.30
C TRP B 243 6.95 28.93 1.62
N PHE B 244 6.60 27.65 1.71
CA PHE B 244 6.79 26.92 2.94
C PHE B 244 8.14 26.22 2.91
N ASN B 245 8.56 25.71 4.07
CA ASN B 245 9.83 25.00 4.16
C ASN B 245 9.67 23.54 4.57
N ARG B 246 10.60 22.70 4.13
CA ARG B 246 10.58 21.28 4.48
C ARG B 246 11.91 20.90 5.10
N TRP B 247 11.88 19.89 5.96
CA TRP B 247 13.09 19.47 6.65
C TRP B 247 14.18 19.10 5.66
N LYS B 248 15.42 19.40 6.03
CA LYS B 248 16.59 19.09 5.20
C LYS B 248 16.70 19.98 3.96
N GLU B 249 15.69 20.79 3.69
CA GLU B 249 15.68 21.64 2.48
C GLU B 249 15.96 23.13 2.79
N PRO B 250 16.74 23.78 1.91
CA PRO B 250 17.18 25.17 2.16
C PRO B 250 16.03 26.17 2.21
N ILE B 251 16.09 27.09 3.16
CA ILE B 251 15.17 28.22 3.20
C ILE B 251 15.41 29.12 2.00
N ILE B 252 14.41 29.27 1.14
CA ILE B 252 14.53 30.19 0.02
C ILE B 252 13.55 31.36 0.13
N THR B 253 14.10 32.57 0.23
CA THR B 253 13.27 33.77 0.37
C THR B 253 12.96 34.37 -1.00
N ARG B 254 12.02 35.32 -1.01
CA ARG B 254 11.65 35.98 -2.25
C ARG B 254 11.94 37.47 -2.13
N ASP B 255 12.46 38.06 -3.20
CA ASP B 255 12.82 39.47 -3.16
C ASP B 255 11.61 40.34 -2.87
N PRO B 256 11.66 41.10 -1.76
CA PRO B 256 10.59 42.00 -1.33
C PRO B 256 10.11 42.95 -2.44
N LYS B 257 11.05 43.50 -3.21
CA LYS B 257 10.70 44.44 -4.27
C LYS B 257 10.00 43.73 -5.42
N GLU B 258 10.51 42.57 -5.80
CA GLU B 258 9.91 41.82 -6.89
C GLU B 258 8.51 41.36 -6.53
N LEU B 259 8.35 40.89 -5.30
CA LEU B 259 7.03 40.51 -4.82
C LEU B 259 6.14 41.75 -4.86
N ALA B 260 6.66 42.86 -4.37
CA ALA B 260 5.92 44.12 -4.39
C ALA B 260 5.41 44.43 -5.79
N ASP B 261 6.26 44.27 -6.79
CA ASP B 261 5.88 44.56 -8.17
C ASP B 261 4.87 43.55 -8.73
N ALA B 262 5.01 42.29 -8.35
CA ALA B 262 4.10 41.25 -8.86
C ALA B 262 2.70 41.45 -8.31
N VAL B 263 2.63 41.92 -7.07
CA VAL B 263 1.36 42.24 -6.43
C VAL B 263 0.69 43.43 -7.13
N ARG B 264 1.49 44.42 -7.50
CA ARG B 264 0.97 45.56 -8.24
C ARG B 264 0.24 45.11 -9.49
N GLU B 265 0.86 44.18 -10.20
CA GLU B 265 0.30 43.67 -11.45
C GLU B 265 -1.10 43.07 -11.28
N VAL B 266 -1.32 42.38 -10.16
CA VAL B 266 -2.65 41.88 -9.83
C VAL B 266 -3.63 43.03 -9.58
N LEU B 267 -3.27 43.91 -8.66
CA LEU B 267 -4.16 44.99 -8.24
C LEU B 267 -4.59 45.87 -9.41
N GLU B 268 -3.73 45.99 -10.41
CA GLU B 268 -4.07 46.75 -11.61
C GLU B 268 -5.22 46.14 -12.40
N GLN B 269 -5.41 44.83 -12.27
CA GLN B 269 -6.44 44.15 -13.04
C GLN B 269 -7.59 43.61 -12.21
N GLY B 270 -7.36 43.42 -10.91
CA GLY B 270 -8.39 42.83 -10.07
C GLY B 270 -8.07 42.82 -8.60
N SER B 271 -8.57 41.77 -7.92
CA SER B 271 -8.48 41.69 -6.48
C SER B 271 -7.46 40.64 -6.07
N ILE B 272 -7.04 40.70 -4.81
CA ILE B 272 -6.01 39.82 -4.32
C ILE B 272 -6.26 39.34 -2.88
N ASN B 273 -5.79 38.13 -2.60
CA ASN B 273 -5.63 37.66 -1.24
C ASN B 273 -4.21 37.15 -1.11
N LEU B 274 -3.41 37.82 -0.30
CA LEU B 274 -2.01 37.47 -0.09
C LEU B 274 -1.91 36.22 0.74
N TYR B 275 -1.29 35.19 0.17
CA TYR B 275 -1.03 33.93 0.87
C TYR B 275 0.48 33.72 1.07
N MET B 276 1.01 33.86 2.29
CA MET B 276 0.31 34.28 3.49
C MET B 276 0.56 35.79 3.76
N PHE B 277 -0.36 36.44 4.47
CA PHE B 277 -0.04 37.77 4.99
C PHE B 277 0.87 37.61 6.19
N HIS B 278 0.35 36.90 7.20
CA HIS B 278 1.11 36.43 8.36
C HIS B 278 0.90 34.91 8.46
N GLY B 279 1.99 34.13 8.35
CA GLY B 279 1.89 32.67 8.34
C GLY B 279 1.86 32.02 9.71
N GLY B 280 2.71 32.49 10.63
CA GLY B 280 2.70 31.96 11.98
C GLY B 280 3.35 30.60 12.13
N THR B 281 2.75 29.73 12.92
CA THR B 281 3.41 28.49 13.34
C THR B 281 2.51 27.26 13.33
N ASN B 282 3.11 26.11 13.01
CA ASN B 282 2.43 24.83 13.13
C ASN B 282 2.71 24.23 14.49
N PHE B 283 2.00 24.71 15.49
CA PHE B 283 2.21 24.22 16.86
C PHE B 283 1.90 22.75 16.96
N GLY B 284 2.53 22.09 17.94
CA GLY B 284 2.30 20.66 18.14
C GLY B 284 2.65 19.82 16.94
N PHE B 285 1.79 18.85 16.63
CA PHE B 285 2.04 17.90 15.54
C PHE B 285 1.25 18.20 14.25
N MET B 286 0.77 19.43 14.08
CA MET B 286 -0.17 19.72 12.99
C MET B 286 0.46 20.10 11.63
N ASN B 287 1.76 19.94 11.49
CA ASN B 287 2.39 20.24 10.20
C ASN B 287 1.87 19.29 9.14
N GLY B 288 1.91 19.73 7.90
CA GLY B 288 1.54 18.89 6.77
C GLY B 288 2.76 18.20 6.18
N CYS B 289 2.60 17.68 4.97
CA CYS B 289 3.64 16.90 4.33
C CYS B 289 3.42 16.91 2.83
N SER B 290 4.50 17.09 2.08
CA SER B 290 4.45 17.06 0.61
C SER B 290 4.72 15.65 0.09
N ALA B 291 4.48 15.43 -1.21
CA ALA B 291 4.80 14.14 -1.83
C ALA B 291 5.54 14.34 -3.16
N ARG B 292 6.46 13.43 -3.43
CA ARG B 292 7.13 13.35 -4.72
C ARG B 292 7.16 11.88 -5.13
N GLY B 293 6.28 11.48 -6.04
CA GLY B 293 6.11 10.08 -6.37
C GLY B 293 5.62 9.32 -5.14
N THR B 294 6.33 8.27 -4.76
CA THR B 294 5.97 7.53 -3.55
C THR B 294 6.57 8.15 -2.27
N LEU B 295 7.41 9.16 -2.44
CA LEU B 295 8.15 9.70 -1.30
C LEU B 295 7.42 10.83 -0.58
N ASP B 296 7.42 10.78 0.75
CA ASP B 296 6.91 11.89 1.58
C ASP B 296 8.04 12.82 1.96
N LEU B 297 7.76 14.12 1.98
CA LEU B 297 8.73 15.12 2.39
C LEU B 297 8.08 16.04 3.42
N PRO B 298 8.28 15.76 4.72
CA PRO B 298 7.56 16.50 5.76
C PRO B 298 7.92 18.00 5.82
N GLN B 299 6.94 18.81 6.20
CA GLN B 299 7.10 20.25 6.27
C GLN B 299 7.44 20.69 7.69
N VAL B 300 8.07 21.85 7.84
CA VAL B 300 8.58 22.28 9.15
C VAL B 300 7.54 22.88 10.08
N THR B 301 7.92 23.06 11.34
CA THR B 301 7.05 23.66 12.36
C THR B 301 6.76 25.14 12.07
N SER B 302 7.80 25.88 11.72
CA SER B 302 7.63 27.30 11.38
C SER B 302 6.85 27.48 10.08
N TYR B 303 5.77 28.24 10.13
CA TYR B 303 5.04 28.61 8.93
C TYR B 303 5.28 30.10 8.63
N ASP B 304 6.46 30.57 8.99
CA ASP B 304 6.90 31.92 8.65
C ASP B 304 6.58 32.22 7.19
N TYR B 305 6.88 31.25 6.32
CA TYR B 305 6.48 31.34 4.93
C TYR B 305 7.17 32.46 4.15
N ASP B 306 8.01 33.25 4.82
CA ASP B 306 8.62 34.41 4.17
C ASP B 306 7.47 35.36 3.83
N ALA B 307 6.51 35.43 4.74
CA ALA B 307 5.29 36.21 4.52
C ALA B 307 5.56 37.69 4.83
N LEU B 308 4.55 38.53 4.73
CA LEU B 308 4.74 39.96 5.03
C LEU B 308 5.15 40.14 6.49
N LEU B 309 4.37 39.54 7.40
CA LEU B 309 4.75 39.48 8.80
C LEU B 309 5.51 38.19 9.04
N ASP B 310 6.59 38.27 9.81
CA ASP B 310 7.35 37.04 10.08
C ASP B 310 6.56 36.16 11.03
N GLU B 311 7.11 34.98 11.31
CA GLU B 311 6.42 34.05 12.16
C GLU B 311 5.88 34.73 13.41
N GLU B 312 6.74 35.52 14.04
CA GLU B 312 6.41 36.24 15.27
C GLU B 312 5.32 37.30 15.08
N GLY B 313 5.23 37.88 13.89
CA GLY B 313 4.18 38.84 13.59
C GLY B 313 4.69 40.24 13.33
N ASN B 314 6.01 40.37 13.16
CA ASN B 314 6.62 41.65 12.88
C ASN B 314 6.76 41.88 11.39
N PRO B 315 6.49 43.11 10.94
CA PRO B 315 6.66 43.48 9.54
C PRO B 315 8.07 43.18 9.04
N THR B 316 8.21 42.97 7.75
CA THR B 316 9.48 42.60 7.16
C THR B 316 9.79 43.53 6.00
N ALA B 317 10.97 43.38 5.41
CA ALA B 317 11.30 44.13 4.21
C ALA B 317 10.13 44.03 3.22
N LYS B 318 9.60 42.83 3.09
CA LYS B 318 8.51 42.56 2.16
C LYS B 318 7.25 43.33 2.53
N TYR B 319 6.93 43.37 3.81
CA TYR B 319 5.80 44.17 4.28
C TYR B 319 6.03 45.64 3.92
N LEU B 320 7.20 46.16 4.27
CA LEU B 320 7.49 47.57 3.97
C LEU B 320 7.49 47.83 2.48
N ALA B 321 7.98 46.88 1.68
CA ALA B 321 8.02 47.07 0.23
C ALA B 321 6.63 47.10 -0.37
N VAL B 322 5.70 46.35 0.22
CA VAL B 322 4.31 46.37 -0.23
C VAL B 322 3.61 47.65 0.25
N LYS B 323 3.94 48.10 1.46
CA LYS B 323 3.38 49.35 1.98
C LYS B 323 3.71 50.53 1.05
N LYS B 324 4.90 50.50 0.47
CA LYS B 324 5.37 51.59 -0.39
C LYS B 324 4.77 51.47 -1.78
N MET B 325 4.64 50.24 -2.27
CA MET B 325 4.00 49.98 -3.55
C MET B 325 2.57 50.48 -3.48
N MET B 326 1.93 50.30 -2.33
CA MET B 326 0.55 50.75 -2.11
C MET B 326 0.47 52.27 -2.01
N ALA B 327 1.34 52.86 -1.21
CA ALA B 327 1.35 54.31 -1.00
C ALA B 327 1.70 55.05 -2.28
N THR B 328 2.38 54.35 -3.18
CA THR B 328 2.80 54.92 -4.45
C THR B 328 1.76 54.73 -5.54
N HIS B 329 1.22 53.52 -5.63
CA HIS B 329 0.34 53.19 -6.73
C HIS B 329 -1.13 53.15 -6.33
N PHE B 330 -1.41 53.03 -5.04
CA PHE B 330 -2.78 52.95 -4.57
C PHE B 330 -2.99 53.83 -3.35
N SER B 331 -2.66 55.11 -3.51
CA SER B 331 -2.64 56.04 -2.39
C SER B 331 -4.02 56.29 -1.81
N GLU B 332 -5.06 55.94 -2.56
CA GLU B 332 -6.42 56.17 -2.08
C GLU B 332 -6.74 55.27 -0.89
N TYR B 333 -6.00 54.16 -0.79
CA TYR B 333 -6.11 53.27 0.36
C TYR B 333 -5.28 53.79 1.54
N PRO B 334 -5.97 54.21 2.62
CA PRO B 334 -5.29 54.80 3.77
C PRO B 334 -4.39 53.78 4.47
N GLN B 335 -3.27 54.26 4.99
CA GLN B 335 -2.33 53.39 5.67
C GLN B 335 -2.12 53.83 7.11
N LEU B 336 -1.51 52.95 7.90
CA LEU B 336 -1.23 53.22 9.30
C LEU B 336 0.17 52.73 9.61
N GLU B 337 0.61 52.99 10.84
CA GLU B 337 1.87 52.44 11.34
C GLU B 337 1.65 51.07 11.96
N PRO B 338 2.43 50.06 11.50
CA PRO B 338 2.31 48.70 12.02
C PRO B 338 2.76 48.59 13.47
N LEU B 339 2.27 47.57 14.16
CA LEU B 339 2.72 47.27 15.52
C LEU B 339 3.94 46.37 15.48
N TYR B 340 4.80 46.49 16.47
CA TYR B 340 5.91 45.57 16.63
C TYR B 340 5.90 45.00 18.04
N LYS B 341 6.35 43.75 18.15
CA LYS B 341 6.57 43.13 19.43
C LYS B 341 8.06 43.07 19.68
N GLU B 342 8.46 43.20 20.94
CA GLU B 342 9.86 43.05 21.29
C GLU B 342 10.11 41.63 21.78
N SER B 343 11.25 41.07 21.41
CA SER B 343 11.61 39.74 21.86
C SER B 343 12.61 39.80 23.01
N MET B 344 12.58 38.79 23.88
CA MET B 344 13.48 38.73 25.02
C MET B 344 14.53 37.64 24.81
N GLU B 345 15.57 37.68 25.64
CA GLU B 345 16.74 36.85 25.43
C GLU B 345 17.34 36.40 26.77
N LEU B 346 17.56 35.10 26.90
CA LEU B 346 18.18 34.54 28.10
C LEU B 346 19.31 33.61 27.72
N ASP B 347 20.26 33.44 28.64
CA ASP B 347 21.38 32.55 28.43
C ASP B 347 21.36 31.42 29.45
N ALA B 348 21.70 30.22 28.99
CA ALA B 348 21.99 29.08 29.86
C ALA B 348 21.01 28.86 31.01
N ILE B 349 19.77 28.52 30.69
CA ILE B 349 18.83 28.07 31.70
C ILE B 349 19.15 26.60 31.95
N PRO B 350 19.61 26.27 33.15
CA PRO B 350 20.17 24.92 33.35
C PRO B 350 19.12 23.82 33.49
N LEU B 351 19.52 22.60 33.15
CA LEU B 351 18.68 21.43 33.32
C LEU B 351 18.37 21.15 34.79
N VAL B 352 17.09 21.03 35.13
CA VAL B 352 16.69 20.72 36.50
C VAL B 352 16.49 19.23 36.72
N GLU B 353 15.97 18.56 35.70
CA GLU B 353 15.37 17.25 35.89
C GLU B 353 15.22 16.56 34.55
N LYS B 354 15.34 15.24 34.52
CA LYS B 354 15.14 14.48 33.31
C LYS B 354 14.61 13.09 33.62
N VAL B 355 14.08 12.41 32.60
CA VAL B 355 13.49 11.10 32.77
C VAL B 355 13.34 10.37 31.43
N SER B 356 13.70 9.09 31.40
CA SER B 356 13.53 8.31 30.18
C SER B 356 12.05 8.06 29.93
N LEU B 357 11.67 8.09 28.65
CA LEU B 357 10.34 7.66 28.24
C LEU B 357 9.93 6.33 28.89
N PHE B 358 10.80 5.32 28.81
CA PHE B 358 10.48 4.00 29.34
C PHE B 358 10.15 4.02 30.84
N GLU B 359 10.70 4.99 31.56
CA GLU B 359 10.45 5.09 33.00
C GLU B 359 9.15 5.82 33.35
N THR B 360 8.77 6.80 32.55
CA THR B 360 7.55 7.55 32.83
C THR B 360 6.39 7.07 31.97
N LEU B 361 6.61 5.95 31.30
CA LEU B 361 5.70 5.50 30.27
C LEU B 361 4.29 5.27 30.81
N ASP B 362 4.17 4.71 32.01
CA ASP B 362 2.86 4.31 32.49
C ASP B 362 1.98 5.44 33.03
N SER B 363 2.59 6.56 33.40
CA SER B 363 1.81 7.72 33.83
C SER B 363 1.35 8.52 32.61
N LEU B 364 2.07 8.36 31.50
CA LEU B 364 1.74 9.07 30.26
C LEU B 364 0.66 8.35 29.47
N SER B 365 0.74 7.02 29.45
CA SER B 365 -0.07 6.23 28.55
C SER B 365 -0.55 4.93 29.18
N SER B 366 -1.76 4.52 28.85
CA SER B 366 -2.31 3.23 29.27
C SER B 366 -2.33 2.29 28.08
N PRO B 367 -1.65 1.14 28.18
CA PRO B 367 -1.42 0.35 26.99
C PRO B 367 -2.63 -0.45 26.51
N VAL B 368 -2.73 -0.66 25.20
CA VAL B 368 -3.76 -1.51 24.62
C VAL B 368 -3.11 -2.79 24.12
N GLU B 369 -3.60 -3.93 24.58
CA GLU B 369 -3.00 -5.21 24.25
C GLU B 369 -3.83 -5.97 23.22
N SER B 370 -3.15 -6.54 22.23
CA SER B 370 -3.82 -7.44 21.30
C SER B 370 -2.81 -8.40 20.69
N LEU B 371 -3.33 -9.47 20.12
CA LEU B 371 -2.51 -10.49 19.50
C LEU B 371 -1.69 -9.96 18.33
N TYR B 372 -2.36 -9.26 17.41
CA TYR B 372 -1.71 -8.65 16.25
C TYR B 372 -1.53 -7.15 16.46
N PRO B 373 -0.46 -6.58 15.87
CA PRO B 373 -0.19 -5.15 16.00
C PRO B 373 -1.27 -4.29 15.34
N GLN B 374 -1.61 -3.16 15.97
CA GLN B 374 -2.60 -2.22 15.45
C GLN B 374 -1.96 -0.92 14.99
N LYS B 375 -2.67 -0.21 14.12
CA LYS B 375 -2.21 1.05 13.56
C LYS B 375 -2.63 2.22 14.45
N MET B 376 -2.04 3.40 14.23
CA MET B 376 -2.26 4.51 15.15
C MET B 376 -3.74 4.89 15.26
N GLU B 377 -4.40 5.06 14.12
CA GLU B 377 -5.75 5.60 14.08
C GLU B 377 -6.79 4.61 14.59
N GLU B 378 -6.60 3.31 14.33
CA GLU B 378 -7.53 2.32 14.86
C GLU B 378 -7.39 2.19 16.36
N LEU B 379 -6.26 2.64 16.90
CA LEU B 379 -6.08 2.71 18.35
C LEU B 379 -6.74 3.96 18.92
N GLY B 380 -7.18 4.87 18.06
CA GLY B 380 -7.84 6.07 18.52
C GLY B 380 -6.92 7.28 18.59
N GLN B 381 -5.70 7.12 18.10
CA GLN B 381 -4.74 8.22 18.13
C GLN B 381 -4.65 8.91 16.78
N SER B 382 -4.60 10.24 16.82
CA SER B 382 -4.42 11.04 15.61
C SER B 382 -2.98 11.45 15.40
N TYR B 383 -2.36 11.99 16.44
CA TYR B 383 -1.05 12.63 16.32
C TYR B 383 -0.09 12.19 17.41
N GLY B 384 1.19 12.33 17.11
CA GLY B 384 2.24 12.11 18.09
C GLY B 384 3.07 10.87 17.82
N TYR B 385 3.36 10.14 18.90
CA TYR B 385 4.20 8.96 18.89
C TYR B 385 3.41 7.73 19.31
N LEU B 386 3.92 6.55 18.97
CA LEU B 386 3.26 5.32 19.34
C LEU B 386 4.33 4.28 19.63
N LEU B 387 4.29 3.70 20.82
CA LEU B 387 5.27 2.69 21.20
C LEU B 387 4.66 1.31 21.12
N TYR B 388 5.27 0.46 20.30
CA TYR B 388 4.89 -0.94 20.21
C TYR B 388 5.80 -1.74 21.12
N ARG B 389 5.22 -2.56 21.98
CA ARG B 389 6.02 -3.40 22.87
C ARG B 389 5.60 -4.87 22.82
N THR B 390 6.60 -5.74 22.70
CA THR B 390 6.37 -7.18 22.80
C THR B 390 7.55 -7.88 23.48
N GLU B 391 7.35 -9.15 23.83
CA GLU B 391 8.42 -9.95 24.41
C GLU B 391 8.70 -11.19 23.56
N THR B 392 9.98 -11.52 23.45
CA THR B 392 10.38 -12.63 22.62
C THR B 392 11.73 -13.17 23.10
N ASN B 393 11.93 -14.47 22.96
CA ASN B 393 13.25 -15.02 23.25
C ASN B 393 14.01 -15.23 21.95
N TRP B 394 15.32 -15.25 22.04
CA TRP B 394 16.13 -15.40 20.83
C TRP B 394 16.40 -16.88 20.56
N ASP B 395 16.20 -17.27 19.30
CA ASP B 395 16.29 -18.67 18.89
C ASP B 395 17.59 -18.98 18.17
N ALA B 396 18.46 -17.98 18.09
CA ALA B 396 19.79 -18.16 17.50
C ALA B 396 20.71 -17.07 18.00
N GLU B 397 22.02 -17.33 17.94
CA GLU B 397 23.01 -16.32 18.33
C GLU B 397 22.68 -14.96 17.72
N GLU B 398 22.40 -14.95 16.43
CA GLU B 398 22.01 -13.73 15.76
C GLU B 398 20.69 -13.96 15.04
N GLU B 399 19.80 -12.98 15.11
CA GLU B 399 18.51 -13.08 14.43
C GLU B 399 18.21 -11.80 13.65
N ARG B 400 17.36 -11.94 12.65
CA ARG B 400 17.02 -10.83 11.78
C ARG B 400 15.63 -10.29 12.10
N LEU B 401 15.54 -8.98 12.26
CA LEU B 401 14.26 -8.32 12.51
C LEU B 401 13.92 -7.40 11.34
N ARG B 402 12.64 -7.30 11.00
CA ARG B 402 12.18 -6.44 9.93
C ARG B 402 10.83 -5.84 10.31
N ILE B 403 10.72 -4.53 10.17
CA ILE B 403 9.44 -3.85 10.36
C ILE B 403 8.76 -3.79 9.01
N ILE B 404 7.60 -4.44 8.90
CA ILE B 404 6.91 -4.52 7.61
C ILE B 404 5.79 -3.50 7.53
N ASP B 405 5.94 -2.55 6.60
CA ASP B 405 4.94 -1.50 6.36
C ASP B 405 4.72 -0.58 7.55
N GLY B 406 5.81 0.00 8.06
CA GLY B 406 5.75 0.97 9.14
C GLY B 406 5.99 2.38 8.61
N ARG B 407 5.41 3.39 9.29
CA ARG B 407 5.54 4.81 8.92
C ARG B 407 5.27 5.64 10.17
N ASP B 408 5.90 6.81 10.29
CA ASP B 408 6.88 7.33 9.34
C ASP B 408 8.35 7.08 9.73
N ARG B 409 8.59 6.92 11.02
CA ARG B 409 9.96 6.76 11.51
C ARG B 409 9.95 5.81 12.69
N ALA B 410 10.90 4.89 12.69
CA ALA B 410 10.93 3.84 13.71
C ALA B 410 12.28 3.75 14.41
N GLN B 411 12.22 3.68 15.73
CA GLN B 411 13.39 3.47 16.57
C GLN B 411 13.19 2.20 17.37
N LEU B 412 14.11 1.25 17.20
CA LEU B 412 13.95 -0.07 17.80
C LEU B 412 14.95 -0.29 18.94
N TYR B 413 14.43 -0.72 20.08
CA TYR B 413 15.26 -1.03 21.25
C TYR B 413 15.00 -2.45 21.71
N VAL B 414 16.03 -3.10 22.25
CA VAL B 414 15.90 -4.43 22.85
C VAL B 414 16.45 -4.37 24.27
N ASP B 415 15.58 -4.67 25.23
CA ASP B 415 15.89 -4.52 26.64
C ASP B 415 16.44 -3.14 26.97
N GLY B 416 15.95 -2.13 26.26
CA GLY B 416 16.31 -0.75 26.54
C GLY B 416 17.49 -0.27 25.74
N GLN B 417 18.19 -1.19 25.09
CA GLN B 417 19.37 -0.86 24.31
C GLN B 417 18.97 -0.55 22.87
N TRP B 418 19.29 0.66 22.42
CA TRP B 418 19.00 1.06 21.06
C TRP B 418 19.69 0.14 20.07
N VAL B 419 18.94 -0.33 19.08
CA VAL B 419 19.52 -1.14 18.02
C VAL B 419 19.52 -0.39 16.71
N LYS B 420 18.43 0.30 16.40
CA LYS B 420 18.27 0.84 15.06
C LYS B 420 17.21 1.92 14.94
N THR B 421 17.43 2.83 14.00
CA THR B 421 16.44 3.84 13.65
C THR B 421 16.26 3.86 12.14
N GLN B 422 15.01 3.83 11.70
CA GLN B 422 14.74 3.77 10.28
C GLN B 422 13.66 4.78 9.93
N TYR B 423 13.94 5.59 8.92
CA TYR B 423 12.99 6.59 8.47
C TYR B 423 12.43 6.21 7.13
N GLN B 424 11.10 6.25 7.02
CA GLN B 424 10.39 6.01 5.76
C GLN B 424 10.93 4.79 5.01
N THR B 425 11.50 5.00 3.82
CA THR B 425 11.87 3.87 2.97
C THR B 425 12.96 2.97 3.56
N GLU B 426 13.57 3.39 4.67
CA GLU B 426 14.52 2.53 5.38
C GLU B 426 13.77 1.50 6.21
N ILE B 427 12.52 1.80 6.54
CA ILE B 427 11.70 0.86 7.28
C ILE B 427 11.44 -0.36 6.42
N GLY B 428 11.79 -1.53 6.93
CA GLY B 428 11.70 -2.74 6.16
C GLY B 428 13.06 -3.36 5.92
N GLU B 429 14.12 -2.55 6.02
CA GLU B 429 15.47 -3.04 5.85
C GLU B 429 15.88 -3.97 6.99
N ASP B 430 16.75 -4.93 6.70
CA ASP B 430 17.19 -5.91 7.70
C ASP B 430 17.84 -5.28 8.92
N ILE B 431 17.38 -5.72 10.09
CA ILE B 431 18.00 -5.36 11.35
C ILE B 431 18.54 -6.63 12.00
N PHE B 432 19.82 -6.64 12.36
CA PHE B 432 20.42 -7.83 12.93
C PHE B 432 20.73 -7.64 14.40
N TYR B 433 20.34 -8.62 15.21
CA TYR B 433 20.52 -8.50 16.64
C TYR B 433 20.98 -9.79 17.31
N GLN B 434 21.81 -9.64 18.33
CA GLN B 434 22.29 -10.80 19.09
C GLN B 434 21.81 -10.70 20.52
N GLY B 435 20.87 -11.56 20.89
CA GLY B 435 20.18 -11.41 22.17
C GLY B 435 20.50 -12.44 23.23
N LYS B 436 19.94 -12.27 24.42
CA LYS B 436 20.25 -13.18 25.51
C LYS B 436 19.78 -14.60 25.22
N LYS B 437 20.61 -15.56 25.59
CA LYS B 437 20.33 -16.96 25.33
C LYS B 437 19.18 -17.48 26.20
N LYS B 438 18.96 -16.83 27.33
CA LYS B 438 17.92 -17.28 28.25
C LYS B 438 16.82 -16.26 28.46
N GLY B 439 15.58 -16.70 28.27
CA GLY B 439 14.43 -15.90 28.66
C GLY B 439 13.91 -14.90 27.65
N LEU B 440 12.83 -14.22 28.02
CA LEU B 440 12.19 -13.22 27.17
C LEU B 440 12.94 -11.91 27.20
N SER B 441 13.07 -11.28 26.03
CA SER B 441 13.69 -9.96 25.94
C SER B 441 12.69 -8.95 25.40
N ARG B 442 12.77 -7.72 25.89
CA ARG B 442 11.78 -6.69 25.62
C ARG B 442 12.11 -5.99 24.33
N LEU B 443 11.20 -6.09 23.37
CA LEU B 443 11.36 -5.43 22.08
C LEU B 443 10.45 -4.22 22.11
N ASP B 444 11.05 -3.03 22.02
CA ASP B 444 10.32 -1.77 21.98
C ASP B 444 10.55 -1.08 20.63
N ILE B 445 9.45 -0.67 19.99
CA ILE B 445 9.57 0.08 18.76
C ILE B 445 8.75 1.36 18.88
N LEU B 446 9.45 2.48 18.93
CA LEU B 446 8.79 3.78 19.01
C LEU B 446 8.53 4.32 17.60
N ILE B 447 7.26 4.57 17.28
CA ILE B 447 6.88 5.10 15.97
C ILE B 447 6.42 6.54 16.08
N GLU B 448 6.85 7.37 15.15
CA GLU B 448 6.40 8.75 15.08
C GLU B 448 5.59 9.02 13.83
N ASN B 449 4.42 9.64 13.99
CA ASN B 449 3.70 10.19 12.85
C ASN B 449 4.28 11.56 12.56
N MET B 450 4.95 11.70 11.42
CA MET B 450 5.65 12.94 11.12
C MET B 450 4.83 13.90 10.24
N GLY B 451 3.54 13.60 10.09
CA GLY B 451 2.65 14.50 9.37
C GLY B 451 2.06 13.88 8.13
N ARG B 452 0.74 13.78 8.09
CA ARG B 452 0.08 13.19 6.93
C ARG B 452 0.09 14.14 5.74
N VAL B 453 0.33 13.56 4.56
CA VAL B 453 0.36 14.31 3.32
C VAL B 453 -0.93 15.09 3.15
N ASN B 454 -0.80 16.36 2.77
CA ASN B 454 -1.95 17.26 2.69
C ASN B 454 -2.40 17.62 1.27
N TYR B 455 -2.02 16.83 0.28
CA TYR B 455 -2.27 17.20 -1.12
C TYR B 455 -1.95 16.12 -2.16
N GLY B 456 -2.78 16.03 -3.20
CA GLY B 456 -2.41 15.28 -4.40
C GLY B 456 -2.62 13.77 -4.39
N HIS B 457 -1.83 13.08 -5.20
CA HIS B 457 -2.03 11.65 -5.48
C HIS B 457 -1.78 10.74 -4.26
N LYS B 458 -0.98 11.20 -3.31
CA LYS B 458 -0.70 10.43 -2.10
C LYS B 458 -1.64 10.80 -0.95
N PHE B 459 -2.61 11.66 -1.24
CA PHE B 459 -3.54 12.13 -0.23
C PHE B 459 -4.18 10.96 0.56
N LEU B 460 -4.54 9.90 -0.14
CA LEU B 460 -5.16 8.74 0.49
C LEU B 460 -4.33 7.48 0.29
N ALA B 461 -3.01 7.64 0.23
CA ALA B 461 -2.13 6.48 0.15
C ALA B 461 -2.24 5.64 1.41
N ASP B 462 -1.95 4.35 1.29
CA ASP B 462 -1.94 3.46 2.45
C ASP B 462 -0.98 3.95 3.56
N THR B 463 0.04 4.70 3.16
CA THR B 463 1.03 5.21 4.11
C THR B 463 0.52 6.32 5.03
N GLN B 464 -0.69 6.80 4.75
CA GLN B 464 -1.28 7.88 5.54
C GLN B 464 -1.72 7.39 6.92
N ARG B 465 -1.96 6.08 7.01
CA ARG B 465 -2.24 5.44 8.29
C ARG B 465 -0.91 5.09 8.94
N LYS B 466 -0.66 5.62 10.12
CA LYS B 466 0.67 5.52 10.70
C LYS B 466 0.80 4.37 11.69
N GLY B 467 2.03 4.07 12.07
CA GLY B 467 2.32 2.87 12.82
C GLY B 467 2.69 1.70 11.91
N ILE B 468 2.61 0.49 12.47
CA ILE B 468 2.96 -0.74 11.77
C ILE B 468 1.68 -1.36 11.17
N ARG B 469 1.60 -1.41 9.84
CA ARG B 469 0.36 -1.83 9.15
C ARG B 469 0.30 -3.32 8.87
N THR B 470 1.48 -3.96 8.81
CA THR B 470 1.51 -5.39 8.54
C THR B 470 2.03 -6.14 9.76
N GLY B 471 3.26 -5.85 10.18
CA GLY B 471 3.79 -6.48 11.38
C GLY B 471 5.29 -6.35 11.52
N VAL B 472 5.84 -7.04 12.52
CA VAL B 472 7.28 -7.10 12.70
C VAL B 472 7.73 -8.56 12.59
N CYS B 473 8.61 -8.83 11.62
CA CYS B 473 9.12 -10.20 11.42
C CYS B 473 10.38 -10.44 12.23
N LYS B 474 10.47 -11.63 12.81
CA LYS B 474 11.68 -12.06 13.49
C LYS B 474 12.03 -13.38 12.82
N ASP B 475 13.27 -13.51 12.31
CA ASP B 475 13.60 -14.59 11.39
C ASP B 475 12.61 -14.52 10.23
N LEU B 476 11.73 -15.51 10.10
CA LEU B 476 10.74 -15.48 9.02
C LEU B 476 9.28 -15.32 9.48
N HIS B 477 9.05 -15.19 10.79
CA HIS B 477 7.68 -15.14 11.28
C HIS B 477 7.31 -13.80 11.92
N PHE B 478 6.08 -13.37 11.70
CA PHE B 478 5.57 -12.18 12.37
C PHE B 478 5.38 -12.45 13.87
N LEU B 479 5.88 -11.53 14.69
CA LEU B 479 5.74 -11.59 16.14
C LEU B 479 4.33 -11.20 16.58
N LEU B 480 3.84 -11.90 17.60
CA LEU B 480 2.53 -11.61 18.19
C LEU B 480 2.60 -11.19 19.65
N ASN B 481 1.46 -10.77 20.19
CA ASN B 481 1.32 -10.32 21.57
C ASN B 481 1.94 -8.95 21.82
N TRP B 482 1.19 -7.93 21.43
CA TRP B 482 1.68 -6.55 21.46
C TRP B 482 1.01 -5.71 22.51
N LYS B 483 1.81 -4.90 23.20
CA LYS B 483 1.25 -3.83 24.01
C LYS B 483 1.50 -2.51 23.32
N HIS B 484 0.43 -1.76 23.09
CA HIS B 484 0.52 -0.48 22.42
C HIS B 484 0.38 0.65 23.43
N TYR B 485 1.31 1.59 23.39
CA TYR B 485 1.21 2.79 24.22
C TYR B 485 1.04 4.01 23.36
N PRO B 486 -0.21 4.47 23.19
CA PRO B 486 -0.38 5.70 22.42
C PRO B 486 0.28 6.83 23.17
N LEU B 487 1.07 7.65 22.46
CA LEU B 487 1.77 8.78 23.07
C LEU B 487 1.51 10.07 22.30
N PRO B 488 0.26 10.55 22.36
CA PRO B 488 -0.04 11.84 21.72
C PRO B 488 0.68 13.00 22.44
N LEU B 489 1.16 12.74 23.66
CA LEU B 489 1.87 13.73 24.44
C LEU B 489 1.06 15.02 24.57
N ASP B 490 -0.25 14.85 24.74
CA ASP B 490 -1.14 15.97 25.02
C ASP B 490 -1.24 16.19 26.54
N ASN B 491 -0.53 15.34 27.30
CA ASN B 491 -0.63 15.35 28.77
C ASN B 491 0.71 15.54 29.48
N PRO B 492 1.46 16.58 29.10
CA PRO B 492 2.83 16.76 29.59
C PRO B 492 2.92 16.84 31.12
N GLU B 493 1.79 17.10 31.77
CA GLU B 493 1.76 17.21 33.23
C GLU B 493 1.91 15.83 33.88
N LYS B 494 1.81 14.78 33.07
CA LYS B 494 1.92 13.42 33.58
C LYS B 494 3.36 12.91 33.56
N ILE B 495 4.27 13.67 32.95
CA ILE B 495 5.65 13.23 32.89
C ILE B 495 6.26 13.21 34.30
N ASP B 496 6.66 12.03 34.76
CA ASP B 496 7.20 11.91 36.10
C ASP B 496 8.73 12.00 36.13
N PHE B 497 9.25 13.20 36.42
CA PHE B 497 10.68 13.44 36.43
C PHE B 497 11.41 12.82 37.63
N SER B 498 10.66 12.16 38.52
CA SER B 498 11.30 11.52 39.67
C SER B 498 11.86 10.14 39.33
N LYS B 499 11.40 9.58 38.21
CA LYS B 499 11.88 8.27 37.74
C LYS B 499 13.25 8.38 37.09
N GLY B 500 13.80 7.25 36.68
CA GLY B 500 15.18 7.20 36.21
C GLY B 500 15.43 7.69 34.81
N TRP B 501 16.70 8.01 34.54
CA TRP B 501 17.11 8.43 33.21
C TRP B 501 18.26 7.54 32.73
N THR B 502 18.34 7.35 31.42
CA THR B 502 19.33 6.47 30.84
C THR B 502 19.82 7.05 29.52
N GLN B 503 21.14 7.10 29.35
CA GLN B 503 21.74 7.53 28.10
C GLN B 503 21.15 6.78 26.90
N GLY B 504 21.28 7.38 25.72
CA GLY B 504 20.89 6.71 24.48
C GLY B 504 19.43 6.32 24.35
N GLN B 505 18.55 7.04 25.03
CA GLN B 505 17.11 6.76 24.96
C GLN B 505 16.26 8.01 24.74
N PRO B 506 15.02 7.83 24.28
CA PRO B 506 14.07 8.95 24.29
C PRO B 506 13.78 9.38 25.72
N ALA B 507 13.74 10.68 25.97
CA ALA B 507 13.56 11.16 27.34
C ALA B 507 13.03 12.57 27.43
N PHE B 508 12.59 12.95 28.62
CA PHE B 508 12.12 14.29 28.89
C PHE B 508 13.15 15.04 29.71
N TYR B 509 13.41 16.29 29.31
CA TYR B 509 14.38 17.13 29.99
C TYR B 509 13.68 18.42 30.40
N ALA B 510 13.80 18.77 31.68
CA ALA B 510 13.10 19.95 32.20
C ALA B 510 14.05 21.10 32.51
N TYR B 511 13.65 22.31 32.13
CA TYR B 511 14.43 23.50 32.39
C TYR B 511 13.54 24.57 32.97
N ASP B 512 13.89 25.04 34.17
CA ASP B 512 13.08 26.04 34.87
C ASP B 512 13.67 27.44 34.76
N PHE B 513 12.79 28.43 34.83
CA PHE B 513 13.20 29.83 34.77
C PHE B 513 12.06 30.73 35.20
N THR B 514 12.43 31.91 35.69
CA THR B 514 11.46 32.92 36.08
C THR B 514 11.41 34.00 35.01
N VAL B 515 10.21 34.51 34.75
CA VAL B 515 10.07 35.63 33.84
C VAL B 515 9.29 36.75 34.51
N GLU B 516 9.90 37.95 34.51
CA GLU B 516 9.27 39.22 34.96
C GLU B 516 8.17 39.87 34.08
N GLU B 517 8.43 40.01 32.79
CA GLU B 517 7.43 40.40 31.80
C GLU B 517 7.53 39.56 30.53
N PRO B 518 6.48 38.77 30.25
CA PRO B 518 6.46 37.90 29.05
C PRO B 518 6.78 38.66 27.77
N LYS B 519 7.77 38.17 27.03
CA LYS B 519 8.08 38.70 25.70
C LYS B 519 8.36 37.54 24.75
N ASP B 520 8.12 37.76 23.46
CA ASP B 520 8.43 36.73 22.47
C ASP B 520 9.88 36.29 22.62
N THR B 521 10.18 35.04 22.26
CA THR B 521 11.56 34.56 22.20
C THR B 521 11.62 33.23 21.45
N TYR B 522 12.85 32.76 21.20
CA TYR B 522 13.06 31.53 20.43
C TYR B 522 13.92 30.54 21.22
N LEU B 523 13.43 29.30 21.33
CA LEU B 523 14.19 28.24 21.96
C LEU B 523 15.28 27.76 21.00
N ASP B 524 16.53 27.82 21.43
CA ASP B 524 17.63 27.30 20.61
C ASP B 524 17.73 25.80 20.88
N LEU B 525 17.55 25.01 19.83
CA LEU B 525 17.58 23.55 19.93
C LEU B 525 18.61 22.99 18.96
N SER B 526 19.54 23.82 18.54
CA SER B 526 20.53 23.42 17.54
C SER B 526 21.48 22.33 18.06
N GLU B 527 21.41 22.05 19.36
CA GLU B 527 22.25 21.02 19.96
C GLU B 527 21.41 19.89 20.54
N PHE B 528 20.15 19.83 20.09
CA PHE B 528 19.29 18.70 20.41
C PHE B 528 19.01 17.93 19.12
N GLY B 529 18.77 16.63 19.24
CA GLY B 529 18.60 15.80 18.06
C GLY B 529 17.26 15.94 17.36
N LYS B 530 16.20 15.45 17.99
CA LYS B 530 14.88 15.45 17.38
C LYS B 530 13.86 15.28 18.48
N GLY B 531 12.67 15.85 18.30
CA GLY B 531 11.63 15.69 19.29
C GLY B 531 10.69 16.88 19.28
N VAL B 532 9.96 17.06 20.38
CA VAL B 532 9.13 18.26 20.53
C VAL B 532 9.51 19.00 21.81
N ALA B 533 9.01 20.22 21.96
CA ALA B 533 9.26 21.02 23.16
C ALA B 533 7.97 21.62 23.68
N PHE B 534 7.82 21.69 25.00
CA PHE B 534 6.67 22.35 25.60
C PHE B 534 7.12 23.56 26.42
N VAL B 535 6.22 24.54 26.59
CA VAL B 535 6.49 25.64 27.51
C VAL B 535 5.24 25.82 28.34
N ASN B 536 5.38 25.64 29.65
CA ASN B 536 4.23 25.64 30.54
C ASN B 536 3.15 24.69 30.03
N GLY B 537 3.57 23.55 29.47
CA GLY B 537 2.65 22.51 29.08
C GLY B 537 2.05 22.67 27.70
N GLN B 538 2.48 23.70 26.97
CA GLN B 538 1.96 23.98 25.64
C GLN B 538 2.93 23.48 24.59
N ASN B 539 2.46 22.59 23.72
CA ASN B 539 3.32 22.01 22.71
C ASN B 539 3.70 23.00 21.61
N LEU B 540 4.99 23.33 21.56
CA LEU B 540 5.52 24.31 20.61
C LEU B 540 5.68 23.78 19.19
N GLY B 541 5.68 22.46 19.04
CA GLY B 541 5.96 21.86 17.76
C GLY B 541 7.26 21.06 17.74
N ARG B 542 7.69 20.70 16.55
CA ARG B 542 8.79 19.78 16.33
C ARG B 542 10.13 20.47 16.09
N PHE B 543 11.22 19.85 16.57
CA PHE B 543 12.56 20.28 16.20
C PHE B 543 13.37 19.12 15.61
N TRP B 544 14.35 19.44 14.78
CA TRP B 544 15.18 18.44 14.11
C TRP B 544 16.44 19.12 13.60
N ASN B 545 17.60 18.60 13.98
CA ASN B 545 18.86 19.29 13.75
C ASN B 545 19.33 19.19 12.31
N VAL B 546 18.53 18.53 11.47
CA VAL B 546 18.79 18.51 10.04
C VAL B 546 18.61 19.91 9.46
N GLY B 547 17.87 20.75 10.18
CA GLY B 547 17.55 22.08 9.69
C GLY B 547 16.45 22.02 8.64
N PRO B 548 16.16 23.16 7.99
CA PRO B 548 16.85 24.46 8.13
C PRO B 548 16.57 25.17 9.45
N THR B 549 15.37 25.05 9.98
CA THR B 549 15.05 25.68 11.25
C THR B 549 15.67 24.89 12.41
N LEU B 550 16.34 25.61 13.31
CA LEU B 550 16.95 25.01 14.48
C LEU B 550 16.36 25.55 15.77
N SER B 551 15.23 26.25 15.66
CA SER B 551 14.58 26.83 16.84
C SER B 551 13.09 26.58 16.83
N LEU B 552 12.48 26.75 18.00
CA LEU B 552 11.04 26.83 18.13
C LEU B 552 10.67 28.22 18.65
N TYR B 553 9.69 28.85 18.02
CA TYR B 553 9.21 30.15 18.44
C TYR B 553 8.29 30.04 19.64
N ILE B 554 8.53 30.84 20.66
CA ILE B 554 7.66 30.87 21.83
C ILE B 554 6.92 32.21 21.92
N PRO B 555 5.60 32.20 21.69
CA PRO B 555 4.85 33.45 21.81
C PRO B 555 4.86 33.98 23.24
N HIS B 556 4.88 35.30 23.39
CA HIS B 556 4.92 35.92 24.71
C HIS B 556 3.77 35.39 25.56
N SER B 557 2.66 35.07 24.92
CA SER B 557 1.45 34.67 25.63
C SER B 557 1.52 33.22 26.14
N TYR B 558 2.55 32.49 25.72
CA TYR B 558 2.76 31.16 26.27
C TYR B 558 3.54 31.22 27.59
N LEU B 559 4.12 32.38 27.87
CA LEU B 559 4.87 32.56 29.12
C LEU B 559 4.00 33.11 30.24
N LYS B 560 4.48 33.00 31.47
CA LYS B 560 3.72 33.42 32.63
C LYS B 560 4.61 34.23 33.55
N GLU B 561 4.11 35.37 34.04
CA GLU B 561 4.87 36.18 34.98
C GLU B 561 5.33 35.30 36.15
N GLY B 562 6.64 35.26 36.37
CA GLY B 562 7.19 34.45 37.44
C GLY B 562 7.80 33.15 36.96
N ALA B 563 7.38 32.03 37.56
CA ALA B 563 8.01 30.74 37.29
C ALA B 563 7.49 30.08 36.03
N ASN B 564 8.41 29.75 35.12
CA ASN B 564 8.08 28.99 33.92
C ASN B 564 8.87 27.68 33.80
N ARG B 565 8.26 26.71 33.14
CA ARG B 565 8.88 25.40 32.94
C ARG B 565 8.83 25.02 31.45
N ILE B 566 10.01 24.85 30.85
CA ILE B 566 10.13 24.31 29.51
C ILE B 566 10.48 22.81 29.59
N ILE B 567 9.83 22.00 28.76
CA ILE B 567 10.10 20.57 28.71
C ILE B 567 10.44 20.13 27.29
N ILE B 568 11.55 19.42 27.14
CA ILE B 568 11.96 18.94 25.82
C ILE B 568 11.95 17.42 25.78
N PHE B 569 11.11 16.85 24.91
CA PHE B 569 11.15 15.44 24.59
C PHE B 569 12.13 15.28 23.43
N GLU B 570 13.23 14.56 23.66
CA GLU B 570 14.24 14.37 22.61
C GLU B 570 14.48 12.87 22.39
N THR B 571 14.44 12.43 21.14
CA THR B 571 14.39 11.00 20.82
C THR B 571 15.74 10.41 20.37
N GLU B 572 16.72 11.26 20.05
CA GLU B 572 17.95 10.76 19.43
C GLU B 572 19.07 10.49 20.42
N GLY B 573 18.90 10.97 21.65
CA GLY B 573 19.93 10.83 22.65
C GLY B 573 20.87 12.02 22.72
N GLN B 574 20.68 12.98 21.82
CA GLN B 574 21.47 14.21 21.82
C GLN B 574 20.73 15.36 22.49
N TYR B 575 21.25 15.82 23.61
CA TYR B 575 20.61 16.89 24.38
C TYR B 575 21.66 17.83 24.96
N LYS B 576 21.22 18.74 25.82
CA LYS B 576 22.12 19.66 26.51
C LYS B 576 21.63 19.93 27.92
N GLU B 577 22.58 20.12 28.84
CA GLU B 577 22.29 20.39 30.24
C GLU B 577 21.79 21.83 30.48
N GLU B 578 21.74 22.63 29.41
CA GLU B 578 21.16 23.96 29.50
C GLU B 578 20.56 24.43 28.17
N ILE B 579 19.58 25.31 28.26
CA ILE B 579 18.95 25.86 27.07
C ILE B 579 19.09 27.38 27.00
N HIS B 580 19.19 27.88 25.78
CA HIS B 580 19.23 29.32 25.51
C HIS B 580 17.92 29.75 24.88
N LEU B 581 17.35 30.85 25.38
CA LEU B 581 16.26 31.53 24.68
C LEU B 581 16.87 32.72 23.97
N THR B 582 16.58 32.86 22.68
CA THR B 582 17.19 33.92 21.88
C THR B 582 16.17 34.93 21.35
N ARG B 583 16.67 36.10 20.97
CA ARG B 583 15.89 37.12 20.27
C ARG B 583 15.46 36.76 18.85
N LYS B 584 16.38 36.16 18.11
CA LYS B 584 16.16 35.77 16.72
C LYS B 584 16.28 34.26 16.58
N PRO B 585 15.51 33.68 15.65
CA PRO B 585 15.56 32.22 15.49
C PRO B 585 16.95 31.80 15.04
N THR B 586 17.32 30.56 15.36
CA THR B 586 18.59 30.00 14.94
C THR B 586 18.37 29.20 13.67
N LEU B 587 19.16 29.49 12.63
CA LEU B 587 19.02 28.80 11.36
C LEU B 587 20.26 27.97 11.02
N LYS B 588 20.03 26.86 10.32
CA LYS B 588 21.11 26.03 9.82
C LYS B 588 21.32 26.29 8.33
N HIS B 589 22.53 26.69 7.98
CA HIS B 589 22.84 27.02 6.59
C HIS B 589 22.91 25.77 5.73
N ILE B 590 22.25 25.81 4.57
CA ILE B 590 22.15 24.64 3.71
C ILE B 590 22.42 24.99 2.25
#